data_7ABW
#
_entry.id   7ABW
#
_cell.length_a   237.065
_cell.length_b   114.321
_cell.length_c   64.382
_cell.angle_alpha   90.000
_cell.angle_beta   90.000
_cell.angle_gamma   90.000
#
_symmetry.space_group_name_H-M   'P 21 21 2'
#
loop_
_entity.id
_entity.type
_entity.pdbx_description
1 polymer 'PepSY domain-containing protein'
2 non-polymer 'PROTOPORPHYRIN IX CONTAINING FE'
3 non-polymer 3,6,9,12,15,18,21,24-OCTAOXAHEXACOSAN-1-OL
4 non-polymer DECYL-BETA-D-MALTOPYRANOSIDE
5 non-polymer 'ZINC ION'
#
_entity_poly.entity_id   1
_entity_poly.type   'polypeptide(L)'
_entity_poly.pdbx_seq_one_letter_code
;MRPVLVLLHRYVGLATALFLFLAGLTGSLLAFHHEIDEWLNPGFYAVGEGGERLSPGSLVQRVESRYPRQLVWYMEYPEA
GGHPALLATVPREAGAKVEHDVFYLDPVSGEEVGKRLWAACCFQPANLVPWVLEFHHNLTLPGNWGLYLMGGVAMFWFLD
CFVGAWLTLPRGRPFWSKWTTAWKIKRGNAYRFNFDLHRAGGLWLWLLLAPVALSSVALNLPSQVFKPLVSLFSPIEPSV
YEARGRLPREQLGETRLDYDRTFQLASVEAARLGIAEPIGELYYSFEYNFFGAGFGDHDDPMGKSWLFFHGSDGRLLGQE
VAGQGSWGERFYRLQYPIHGGRIAGLPGRIAIAALGLAIAGLSLTGVYIWWRKRRARHWNGR
;
_entity_poly.pdbx_strand_id   A,B
#
# COMPACT_ATOMS: atom_id res chain seq x y z
N MET A 1 -3.78 4.56 8.39
CA MET A 1 -3.71 5.01 6.96
C MET A 1 -3.14 3.90 6.04
N ARG A 2 -3.78 2.73 6.06
CA ARG A 2 -3.36 1.55 5.29
C ARG A 2 -3.91 1.53 3.86
N PRO A 3 -5.26 1.56 3.63
CA PRO A 3 -5.80 1.59 2.27
C PRO A 3 -5.54 2.83 1.44
N VAL A 4 -5.27 3.98 2.08
CA VAL A 4 -4.89 5.20 1.34
C VAL A 4 -3.63 4.92 0.51
N LEU A 5 -2.65 4.23 1.12
CA LEU A 5 -1.42 3.85 0.41
C LEU A 5 -1.68 2.72 -0.59
N VAL A 6 -2.68 1.87 -0.32
CA VAL A 6 -3.04 0.79 -1.26
C VAL A 6 -3.59 1.40 -2.56
N LEU A 7 -4.55 2.31 -2.41
CA LEU A 7 -5.07 3.04 -3.56
C LEU A 7 -3.92 3.77 -4.24
N LEU A 8 -3.05 4.39 -3.44
CA LEU A 8 -1.91 5.14 -3.98
C LEU A 8 -0.97 4.24 -4.78
N HIS A 9 -0.91 2.95 -4.47
CA HIS A 9 -0.08 2.06 -5.31
C HIS A 9 -0.78 1.72 -6.62
N ARG A 10 -2.04 1.32 -6.56
CA ARG A 10 -2.73 0.87 -7.77
C ARG A 10 -2.70 1.97 -8.83
N TYR A 11 -2.99 3.21 -8.41
CA TYR A 11 -3.04 4.34 -9.34
C TYR A 11 -1.62 4.60 -9.86
N VAL A 12 -0.59 4.39 -9.04
CA VAL A 12 0.80 4.64 -9.51
C VAL A 12 1.29 3.48 -10.37
N GLY A 13 1.28 2.26 -9.82
CA GLY A 13 1.89 1.12 -10.52
C GLY A 13 1.35 0.91 -11.93
N LEU A 14 0.10 1.34 -12.18
CA LEU A 14 -0.56 1.20 -13.50
C LEU A 14 -0.15 2.31 -14.46
N ALA A 15 -0.06 3.55 -14.01
CA ALA A 15 0.47 4.61 -14.90
C ALA A 15 1.85 4.16 -15.39
N THR A 16 2.63 3.59 -14.49
CA THR A 16 4.03 3.24 -14.74
C THR A 16 4.14 2.08 -15.71
N ALA A 17 3.10 1.28 -15.78
CA ALA A 17 3.22 -0.14 -16.13
C ALA A 17 3.99 -0.33 -17.43
N LEU A 18 3.47 0.16 -18.56
CA LEU A 18 4.09 -0.21 -19.84
C LEU A 18 5.38 0.55 -20.09
N PHE A 19 5.50 1.77 -19.54
CA PHE A 19 6.77 2.52 -19.58
C PHE A 19 7.85 1.77 -18.81
N LEU A 20 7.54 1.42 -17.57
CA LEU A 20 8.53 0.71 -16.77
C LEU A 20 8.83 -0.60 -17.45
N PHE A 21 7.85 -1.15 -18.14
CA PHE A 21 8.01 -2.44 -18.80
C PHE A 21 9.03 -2.34 -19.93
N LEU A 22 8.71 -1.52 -20.93
CA LEU A 22 9.63 -1.23 -22.04
C LEU A 22 11.01 -0.88 -21.50
N ALA A 23 11.04 0.07 -20.56
CA ALA A 23 12.28 0.64 -20.04
C ALA A 23 13.13 -0.50 -19.48
N GLY A 24 12.59 -1.27 -18.54
CA GLY A 24 13.39 -2.29 -17.86
C GLY A 24 13.78 -3.44 -18.78
N LEU A 25 12.88 -3.85 -19.66
CA LEU A 25 13.20 -4.97 -20.53
C LEU A 25 14.38 -4.58 -21.40
N THR A 26 14.27 -3.45 -22.12
CA THR A 26 15.40 -2.96 -22.93
C THR A 26 16.63 -2.80 -22.06
N GLY A 27 16.45 -2.39 -20.80
CA GLY A 27 17.58 -2.22 -19.88
C GLY A 27 18.31 -3.52 -19.64
N SER A 28 17.56 -4.61 -19.52
CA SER A 28 18.20 -5.93 -19.48
C SER A 28 19.06 -6.12 -20.71
N LEU A 29 18.52 -5.81 -21.89
CA LEU A 29 19.32 -5.99 -23.11
C LEU A 29 20.62 -5.20 -22.98
N LEU A 30 20.49 -3.95 -22.56
CA LEU A 30 21.61 -3.01 -22.32
C LEU A 30 22.54 -3.47 -21.22
N ALA A 31 22.21 -4.53 -20.48
CA ALA A 31 23.10 -4.97 -19.39
C ALA A 31 24.46 -5.36 -19.93
N PHE A 32 24.50 -5.70 -21.22
CA PHE A 32 25.71 -6.10 -21.97
C PHE A 32 25.78 -5.26 -23.24
N HIS A 33 25.54 -3.96 -23.09
CA HIS A 33 25.32 -3.02 -24.19
C HIS A 33 26.63 -2.78 -24.93
N HIS A 34 27.78 -2.74 -24.22
CA HIS A 34 29.11 -2.79 -24.86
C HIS A 34 29.34 -4.17 -25.50
N GLU A 35 28.96 -5.24 -24.81
CA GLU A 35 29.28 -6.60 -25.25
C GLU A 35 28.48 -6.97 -26.48
N ILE A 36 27.20 -6.64 -26.49
CA ILE A 36 26.30 -6.96 -27.61
C ILE A 36 26.88 -6.38 -28.90
N ASP A 37 27.41 -5.18 -28.81
CA ASP A 37 27.83 -4.47 -30.03
C ASP A 37 29.04 -5.20 -30.59
N GLU A 38 30.00 -5.52 -29.72
CA GLU A 38 31.24 -6.20 -30.15
C GLU A 38 30.90 -7.52 -30.82
N TRP A 39 29.88 -8.21 -30.33
CA TRP A 39 29.43 -9.43 -31.03
C TRP A 39 28.75 -9.05 -32.34
N LEU A 40 27.87 -8.05 -32.32
CA LEU A 40 27.10 -7.65 -33.52
C LEU A 40 27.98 -6.91 -34.50
N ASN A 41 29.07 -6.36 -34.05
CA ASN A 41 29.63 -5.31 -34.87
C ASN A 41 31.16 -5.36 -34.81
N PRO A 42 31.76 -6.54 -35.07
CA PRO A 42 33.15 -6.78 -34.68
C PRO A 42 34.16 -5.89 -35.39
N GLY A 43 33.80 -5.26 -36.49
CA GLY A 43 34.74 -4.38 -37.15
C GLY A 43 35.19 -3.27 -36.23
N PHE A 44 34.28 -2.77 -35.41
CA PHE A 44 34.52 -1.61 -34.54
C PHE A 44 35.51 -1.89 -33.42
N TYR A 45 35.87 -3.15 -33.22
CA TYR A 45 36.69 -3.63 -32.09
C TYR A 45 37.88 -4.41 -32.68
N ALA A 46 38.60 -3.78 -33.59
CA ALA A 46 39.74 -4.36 -34.31
C ALA A 46 41.00 -4.37 -33.42
N VAL A 47 42.13 -4.78 -33.98
CA VAL A 47 43.35 -5.08 -33.19
C VAL A 47 44.35 -3.93 -33.15
N GLY A 48 44.42 -3.12 -34.20
CA GLY A 48 45.30 -1.95 -34.18
C GLY A 48 46.77 -2.33 -34.19
N GLU A 49 47.15 -3.08 -35.19
CA GLU A 49 48.53 -3.59 -35.29
C GLU A 49 49.45 -2.40 -35.48
N GLY A 50 50.09 -1.99 -34.41
CA GLY A 50 51.08 -0.92 -34.51
C GLY A 50 51.66 -0.61 -33.16
N GLY A 51 52.68 0.27 -33.16
CA GLY A 51 53.35 0.70 -31.94
C GLY A 51 52.88 2.06 -31.44
N GLU A 52 53.51 3.12 -31.92
CA GLU A 52 53.29 4.46 -31.34
C GLU A 52 52.01 5.07 -31.87
N ARG A 53 51.06 5.37 -30.98
CA ARG A 53 49.78 5.98 -31.39
C ARG A 53 49.95 7.47 -31.61
N LEU A 54 49.21 8.00 -32.58
CA LEU A 54 49.36 9.40 -32.92
C LEU A 54 48.34 10.18 -32.09
N SER A 55 48.61 11.47 -31.91
CA SER A 55 48.00 12.26 -30.82
C SER A 55 46.52 12.43 -31.07
N PRO A 56 45.74 12.61 -30.01
CA PRO A 56 44.30 12.73 -30.18
C PRO A 56 43.93 13.78 -31.20
N GLY A 57 44.66 14.89 -31.23
CA GLY A 57 44.41 15.94 -32.22
C GLY A 57 44.68 15.48 -33.65
N SER A 58 45.67 14.61 -33.81
CA SER A 58 45.98 14.01 -35.11
C SER A 58 44.78 13.21 -35.63
N LEU A 59 44.27 12.29 -34.81
CA LEU A 59 43.08 11.48 -35.13
C LEU A 59 41.87 12.38 -35.42
N VAL A 60 41.74 13.48 -34.66
CA VAL A 60 40.66 14.41 -34.95
C VAL A 60 40.81 14.93 -36.34
N GLN A 61 41.97 15.49 -36.62
CA GLN A 61 42.14 16.18 -37.89
C GLN A 61 41.84 15.22 -39.06
N ARG A 62 42.30 13.97 -38.99
CA ARG A 62 41.92 12.97 -40.00
C ARG A 62 40.42 13.09 -40.24
N VAL A 63 39.65 12.95 -39.18
CA VAL A 63 38.20 12.84 -39.34
C VAL A 63 37.61 14.18 -39.79
N GLU A 64 38.07 15.28 -39.21
CA GLU A 64 37.46 16.56 -39.55
C GLU A 64 37.72 16.93 -41.00
N SER A 65 38.83 16.46 -41.60
CA SER A 65 39.13 16.91 -42.99
C SER A 65 38.81 15.86 -44.05
N ARG A 66 38.71 14.57 -43.70
CA ARG A 66 38.09 13.61 -44.63
C ARG A 66 36.58 13.84 -44.73
N TYR A 67 35.99 14.48 -43.74
CA TYR A 67 34.54 14.73 -43.70
C TYR A 67 34.30 16.20 -43.46
N PRO A 68 34.61 17.05 -44.45
CA PRO A 68 34.76 18.49 -44.19
C PRO A 68 33.51 19.20 -43.70
N ARG A 69 32.33 18.57 -43.74
CA ARG A 69 31.13 19.19 -43.14
C ARG A 69 30.77 18.50 -41.83
N GLN A 70 31.76 17.94 -41.10
CA GLN A 70 31.54 17.37 -39.75
C GLN A 70 32.66 17.71 -38.75
N LEU A 71 32.32 17.69 -37.44
CA LEU A 71 33.20 18.12 -36.34
C LEU A 71 33.25 17.11 -35.21
N VAL A 72 34.44 16.87 -34.68
CA VAL A 72 34.64 15.95 -33.55
C VAL A 72 34.50 16.70 -32.23
N TRP A 73 33.64 16.19 -31.34
CA TRP A 73 33.37 16.76 -30.01
C TRP A 73 33.64 15.79 -28.88
N TYR A 74 33.56 14.50 -29.12
CA TYR A 74 33.86 13.47 -28.11
C TYR A 74 34.69 12.45 -28.83
N MET A 75 35.68 11.90 -28.17
CA MET A 75 36.47 10.86 -28.83
C MET A 75 36.92 9.96 -27.70
N GLU A 76 37.08 8.67 -27.95
CA GLU A 76 37.59 7.69 -26.98
C GLU A 76 38.98 7.43 -27.51
N TYR A 77 39.99 7.71 -26.70
CA TYR A 77 41.39 7.56 -27.13
C TYR A 77 41.96 6.37 -26.39
N PRO A 78 42.23 5.28 -27.10
CA PRO A 78 42.72 4.04 -26.48
C PRO A 78 44.24 4.02 -26.31
N GLU A 79 44.78 2.88 -25.85
CA GLU A 79 46.24 2.81 -25.60
C GLU A 79 46.99 2.13 -26.73
N ALA A 80 46.33 1.94 -27.86
CA ALA A 80 46.86 1.50 -29.17
C ALA A 80 47.08 0.01 -29.28
N GLY A 81 46.91 -0.73 -28.21
CA GLY A 81 47.07 -2.17 -28.37
C GLY A 81 45.67 -2.68 -28.29
N GLY A 82 44.73 -1.76 -28.48
CA GLY A 82 43.37 -2.25 -28.27
C GLY A 82 42.36 -1.71 -29.26
N HIS A 83 41.16 -1.48 -28.73
CA HIS A 83 39.95 -1.13 -29.48
C HIS A 83 40.25 0.08 -30.37
N PRO A 84 39.54 0.24 -31.46
CA PRO A 84 39.72 1.40 -32.32
C PRO A 84 39.26 2.67 -31.65
N ALA A 85 40.01 3.75 -31.80
CA ALA A 85 39.59 5.05 -31.25
C ALA A 85 38.22 5.45 -31.79
N LEU A 86 37.36 5.94 -30.91
CA LEU A 86 35.99 6.32 -31.27
C LEU A 86 35.92 7.83 -31.35
N LEU A 87 35.64 8.38 -32.54
CA LEU A 87 35.45 9.82 -32.66
C LEU A 87 34.00 10.11 -33.03
N ALA A 88 33.32 10.92 -32.23
CA ALA A 88 31.92 11.24 -32.49
C ALA A 88 31.80 12.67 -32.99
N THR A 89 30.84 12.88 -33.89
CA THR A 89 30.78 14.03 -34.80
C THR A 89 29.44 14.72 -34.72
N VAL A 90 29.37 15.93 -35.26
CA VAL A 90 28.11 16.69 -35.37
C VAL A 90 28.14 17.58 -36.61
N PRO A 91 27.01 17.86 -37.29
CA PRO A 91 27.06 18.79 -38.42
C PRO A 91 27.66 20.17 -38.08
N ARG A 92 28.33 20.74 -39.07
CA ARG A 92 28.86 22.12 -39.03
C ARG A 92 27.79 23.15 -39.37
N GLU A 93 26.81 22.75 -40.17
CA GLU A 93 25.78 23.72 -40.64
C GLU A 93 24.53 23.61 -39.80
N ALA A 94 24.69 23.31 -38.52
CA ALA A 94 23.64 23.23 -37.48
C ALA A 94 22.67 22.05 -37.67
N GLY A 95 21.91 22.01 -38.76
CA GLY A 95 20.89 20.96 -38.87
C GLY A 95 20.97 20.25 -40.17
N ALA A 96 22.17 20.01 -40.59
CA ALA A 96 22.50 19.36 -41.85
C ALA A 96 22.35 17.85 -41.70
N LYS A 97 22.07 17.19 -42.82
CA LYS A 97 22.03 15.73 -42.89
C LYS A 97 23.45 15.22 -43.11
N VAL A 98 23.78 14.11 -42.47
CA VAL A 98 25.08 13.44 -42.64
C VAL A 98 24.87 11.93 -42.72
N GLU A 99 25.62 11.29 -43.60
CA GLU A 99 25.41 9.86 -43.91
C GLU A 99 25.93 8.99 -42.76
N HIS A 100 26.96 9.46 -42.07
CA HIS A 100 27.59 8.76 -40.95
C HIS A 100 28.01 9.79 -39.91
N ASP A 101 28.16 9.31 -38.67
CA ASP A 101 28.14 10.21 -37.51
C ASP A 101 29.11 9.83 -36.39
N VAL A 102 29.63 8.60 -36.37
CA VAL A 102 30.61 8.12 -35.39
C VAL A 102 31.69 7.36 -36.14
N PHE A 103 32.95 7.59 -35.83
CA PHE A 103 34.05 7.05 -36.65
C PHE A 103 35.04 6.24 -35.82
N TYR A 104 35.45 5.11 -36.37
CA TYR A 104 36.41 4.24 -35.70
C TYR A 104 37.69 4.32 -36.50
N LEU A 105 38.75 4.73 -35.83
CA LEU A 105 40.06 4.90 -36.45
C LEU A 105 41.07 3.99 -35.77
N ASP A 106 41.90 3.30 -36.56
CA ASP A 106 43.15 2.75 -36.03
C ASP A 106 43.94 3.91 -35.43
N PRO A 107 44.36 3.80 -34.16
CA PRO A 107 45.04 4.90 -33.50
C PRO A 107 46.53 4.94 -33.85
N VAL A 108 47.01 4.01 -34.68
CA VAL A 108 48.41 4.04 -35.15
C VAL A 108 48.51 4.56 -36.59
N SER A 109 47.66 4.06 -37.47
CA SER A 109 47.43 4.69 -38.78
C SER A 109 46.03 5.26 -38.74
N GLY A 110 45.83 6.54 -38.99
CA GLY A 110 44.47 7.11 -38.85
C GLY A 110 44.30 6.52 -40.23
N GLU A 111 43.53 5.45 -40.33
CA GLU A 111 42.73 4.92 -41.42
C GLU A 111 41.48 4.40 -40.80
N GLU A 112 40.37 4.85 -41.30
CA GLU A 112 39.02 4.45 -40.88
C GLU A 112 38.87 2.93 -40.93
N VAL A 113 38.39 2.33 -39.84
CA VAL A 113 38.12 0.87 -39.79
C VAL A 113 36.68 0.64 -39.33
N GLY A 114 35.80 1.61 -39.60
CA GLY A 114 34.36 1.43 -39.40
C GLY A 114 33.63 2.75 -39.18
N LYS A 115 32.40 2.82 -39.64
CA LYS A 115 31.57 4.00 -39.46
C LYS A 115 30.20 3.55 -39.04
N ARG A 116 29.47 4.49 -38.44
CA ARG A 116 28.13 4.22 -37.94
C ARG A 116 27.40 5.55 -37.93
N LEU A 117 26.08 5.48 -38.13
CA LEU A 117 25.15 6.60 -37.91
C LEU A 117 24.37 6.31 -36.63
N TRP A 118 24.27 7.28 -35.74
CA TRP A 118 23.70 6.97 -34.42
C TRP A 118 22.18 6.82 -34.45
N ALA A 119 21.73 5.66 -33.98
CA ALA A 119 20.33 5.34 -33.73
C ALA A 119 19.46 5.47 -34.99
N ALA A 120 19.80 4.71 -36.04
CA ALA A 120 18.80 4.33 -37.06
C ALA A 120 18.02 3.09 -36.59
N CYS A 121 16.83 2.86 -37.11
CA CYS A 121 15.87 2.07 -36.32
C CYS A 121 16.11 0.57 -36.38
N CYS A 122 16.48 -0.06 -35.25
CA CYS A 122 16.61 -1.51 -35.02
C CYS A 122 17.61 -2.23 -35.89
N PHE A 123 18.31 -1.54 -36.79
CA PHE A 123 19.06 -2.23 -37.85
C PHE A 123 20.08 -3.13 -37.19
N GLN A 124 19.87 -4.43 -37.31
CA GLN A 124 20.57 -5.42 -36.48
C GLN A 124 22.08 -5.12 -36.41
N PRO A 125 22.80 -4.96 -37.53
CA PRO A 125 24.26 -4.88 -37.40
C PRO A 125 24.72 -3.74 -36.50
N ALA A 126 24.18 -2.53 -36.69
CA ALA A 126 24.88 -1.39 -36.11
C ALA A 126 23.99 -0.39 -35.39
N ASN A 127 22.73 -0.25 -35.76
CA ASN A 127 21.93 0.79 -35.10
C ASN A 127 21.02 0.20 -34.03
N LEU A 128 21.18 -1.10 -33.78
CA LEU A 128 20.40 -1.79 -32.75
C LEU A 128 20.82 -1.29 -31.38
N VAL A 129 22.06 -1.60 -30.95
CA VAL A 129 22.47 -1.30 -29.57
C VAL A 129 22.32 0.19 -29.27
N PRO A 130 22.76 1.11 -30.14
CA PRO A 130 22.40 2.52 -29.95
C PRO A 130 20.91 2.83 -29.88
N TRP A 131 20.09 2.24 -30.75
CA TRP A 131 18.64 2.53 -30.74
C TRP A 131 17.99 1.99 -29.49
N VAL A 132 18.30 0.76 -29.10
CA VAL A 132 17.72 0.22 -27.86
C VAL A 132 18.13 1.13 -26.73
N LEU A 133 19.35 1.63 -26.78
CA LEU A 133 19.92 2.38 -25.66
C LEU A 133 19.38 3.81 -25.60
N GLU A 134 18.95 4.37 -26.72
CA GLU A 134 18.30 5.68 -26.71
C GLU A 134 16.78 5.55 -26.67
N PHE A 135 16.22 4.40 -27.05
CA PHE A 135 14.78 4.18 -26.88
C PHE A 135 14.51 3.93 -25.40
N HIS A 136 15.43 3.27 -24.76
CA HIS A 136 15.25 2.88 -23.36
C HIS A 136 14.99 4.09 -22.47
N HIS A 137 15.71 5.22 -22.64
CA HIS A 137 15.57 6.35 -21.68
C HIS A 137 14.60 7.39 -22.19
N ASN A 138 14.40 7.42 -23.47
CA ASN A 138 13.53 8.32 -24.19
C ASN A 138 12.87 7.31 -25.08
N LEU A 139 11.55 7.27 -25.12
CA LEU A 139 10.96 6.28 -26.02
C LEU A 139 11.09 6.83 -27.44
N THR A 140 12.30 7.08 -27.88
CA THR A 140 12.66 7.68 -29.17
C THR A 140 11.68 8.78 -29.52
N LEU A 141 11.30 9.58 -28.55
CA LEU A 141 10.34 10.66 -28.79
C LEU A 141 11.06 11.89 -29.35
N PRO A 142 10.33 12.96 -29.70
CA PRO A 142 10.94 14.06 -30.46
C PRO A 142 12.15 14.71 -29.83
N GLY A 143 12.29 14.70 -28.53
CA GLY A 143 13.50 15.33 -27.98
C GLY A 143 13.44 15.18 -26.51
N ASN A 144 13.68 16.24 -25.77
CA ASN A 144 13.40 16.12 -24.34
C ASN A 144 11.92 15.81 -24.23
N TRP A 145 11.16 15.89 -25.30
CA TRP A 145 9.72 15.66 -25.12
C TRP A 145 9.63 14.17 -24.94
N GLY A 146 9.42 13.71 -23.71
CA GLY A 146 9.46 12.27 -23.40
C GLY A 146 10.73 11.81 -22.70
N LEU A 147 11.83 12.58 -22.69
CA LEU A 147 13.03 12.29 -21.89
C LEU A 147 12.52 12.65 -20.51
N TYR A 148 11.72 13.70 -20.53
CA TYR A 148 10.94 14.18 -19.38
C TYR A 148 9.94 13.12 -18.96
N LEU A 149 9.20 12.55 -19.91
CA LEU A 149 8.18 11.52 -19.58
C LEU A 149 8.83 10.34 -18.84
N MET A 150 9.88 9.76 -19.43
CA MET A 150 10.50 8.54 -18.90
C MET A 150 11.16 8.81 -17.56
N GLY A 151 11.74 10.01 -17.40
CA GLY A 151 12.24 10.46 -16.11
C GLY A 151 11.12 10.66 -15.10
N GLY A 152 9.97 11.13 -15.55
CA GLY A 152 8.82 11.23 -14.66
C GLY A 152 8.32 9.87 -14.20
N VAL A 153 8.13 8.98 -15.16
CA VAL A 153 7.81 7.59 -14.84
C VAL A 153 8.81 7.11 -13.80
N ALA A 154 10.07 7.47 -13.96
CA ALA A 154 11.10 7.15 -12.96
C ALA A 154 10.72 7.74 -11.62
N MET A 155 10.24 8.99 -11.60
CA MET A 155 9.99 9.65 -10.32
C MET A 155 8.85 8.95 -9.59
N PHE A 156 7.79 8.62 -10.34
CA PHE A 156 6.68 7.88 -9.72
C PHE A 156 7.10 6.49 -9.30
N TRP A 157 7.96 5.85 -10.08
CA TRP A 157 8.35 4.49 -9.77
C TRP A 157 9.08 4.49 -8.42
N PHE A 158 9.94 5.49 -8.19
CA PHE A 158 10.67 5.64 -6.92
C PHE A 158 9.72 5.94 -5.77
N LEU A 159 8.80 6.88 -5.99
CA LEU A 159 7.85 7.22 -4.92
C LEU A 159 7.01 6.01 -4.59
N ASP A 160 6.55 5.30 -5.61
CA ASP A 160 5.78 4.08 -5.39
C ASP A 160 6.63 3.05 -4.64
N CYS A 161 7.94 3.03 -4.86
CA CYS A 161 8.84 2.07 -4.16
C CYS A 161 8.86 2.35 -2.65
N PHE A 162 9.12 3.60 -2.23
CA PHE A 162 9.12 3.89 -0.77
C PHE A 162 7.74 4.03 -0.19
N VAL A 163 6.68 3.95 -0.98
CA VAL A 163 5.36 3.65 -0.41
C VAL A 163 5.30 2.17 -0.12
N GLY A 164 5.62 1.35 -1.11
CA GLY A 164 5.59 -0.11 -0.96
C GLY A 164 6.53 -0.60 0.13
N ALA A 165 7.63 0.11 0.37
CA ALA A 165 8.59 -0.28 1.40
C ALA A 165 8.04 -0.05 2.81
N TRP A 166 7.16 0.93 2.98
CA TRP A 166 6.49 1.26 4.26
C TRP A 166 5.26 0.37 4.47
N LEU A 167 4.48 0.19 3.41
CA LEU A 167 3.25 -0.63 3.40
C LEU A 167 3.59 -2.10 3.69
N THR A 168 4.83 -2.52 3.40
CA THR A 168 5.24 -3.94 3.50
C THR A 168 6.37 -4.16 4.53
N LEU A 169 6.65 -3.16 5.40
CA LEU A 169 7.72 -3.30 6.43
C LEU A 169 7.12 -3.55 7.82
N PRO A 170 7.74 -4.41 8.66
CA PRO A 170 7.29 -4.69 10.04
C PRO A 170 6.86 -3.50 10.94
N ASN A 189 -5.79 -20.84 -10.89
CA ASN A 189 -6.42 -19.84 -11.77
C ASN A 189 -5.45 -19.02 -12.62
N ALA A 190 -6.00 -18.23 -13.54
CA ALA A 190 -5.22 -17.16 -14.16
C ALA A 190 -5.00 -16.07 -13.12
N TYR A 191 -6.05 -15.65 -12.41
CA TYR A 191 -5.93 -14.62 -11.36
C TYR A 191 -5.18 -15.15 -10.14
N ARG A 192 -5.43 -16.40 -9.75
CA ARG A 192 -4.76 -16.99 -8.58
C ARG A 192 -3.24 -16.96 -8.78
N PHE A 193 -2.78 -17.30 -9.99
CA PHE A 193 -1.35 -17.43 -10.31
C PHE A 193 -0.69 -16.08 -10.66
N ASN A 194 -1.33 -15.21 -11.45
CA ASN A 194 -0.76 -13.86 -11.71
C ASN A 194 -0.64 -13.06 -10.43
N PHE A 195 -1.69 -13.03 -9.62
CA PHE A 195 -1.61 -12.33 -8.33
C PHE A 195 -0.51 -12.92 -7.45
N ASP A 196 -0.37 -14.26 -7.39
CA ASP A 196 0.63 -14.88 -6.51
C ASP A 196 2.06 -14.57 -6.99
N LEU A 197 2.32 -14.67 -8.30
CA LEU A 197 3.63 -14.29 -8.87
C LEU A 197 3.97 -12.87 -8.46
N HIS A 198 3.07 -11.95 -8.75
CA HIS A 198 3.30 -10.50 -8.55
C HIS A 198 3.57 -10.21 -7.08
N ARG A 199 2.77 -10.81 -6.20
CA ARG A 199 2.88 -10.59 -4.76
C ARG A 199 4.27 -11.00 -4.26
N ALA A 200 4.87 -12.01 -4.90
CA ALA A 200 5.98 -12.75 -4.29
C ALA A 200 7.24 -11.92 -4.10
N GLY A 201 7.30 -10.69 -4.61
CA GLY A 201 8.51 -9.88 -4.43
C GLY A 201 8.85 -9.62 -2.96
N GLY A 202 7.88 -9.14 -2.19
CA GLY A 202 8.11 -8.82 -0.77
C GLY A 202 8.90 -7.54 -0.54
N LEU A 203 9.32 -7.34 0.72
CA LEU A 203 10.13 -6.15 1.07
C LEU A 203 11.47 -6.23 0.38
N TRP A 204 12.00 -7.45 0.27
CA TRP A 204 13.26 -7.71 -0.43
C TRP A 204 13.22 -7.12 -1.86
N LEU A 205 12.23 -7.52 -2.68
CA LEU A 205 12.15 -6.96 -4.05
C LEU A 205 11.86 -5.46 -4.04
N TRP A 206 10.96 -4.95 -3.19
CA TRP A 206 10.73 -3.49 -3.19
C TRP A 206 12.04 -2.73 -2.96
N LEU A 207 12.86 -3.26 -2.05
CA LEU A 207 14.18 -2.65 -1.78
C LEU A 207 15.10 -2.71 -3.00
N LEU A 208 15.14 -3.84 -3.70
CA LEU A 208 15.92 -3.87 -4.95
C LEU A 208 15.40 -2.83 -5.94
N LEU A 209 14.09 -2.75 -6.13
CA LEU A 209 13.57 -1.81 -7.14
C LEU A 209 14.00 -0.39 -6.80
N ALA A 210 13.97 -0.01 -5.54
CA ALA A 210 14.08 1.43 -5.23
C ALA A 210 15.28 2.08 -5.91
N PRO A 211 16.52 1.58 -5.79
CA PRO A 211 17.66 2.27 -6.38
C PRO A 211 17.71 2.29 -7.91
N VAL A 212 17.10 1.33 -8.60
CA VAL A 212 17.01 1.45 -10.07
C VAL A 212 16.11 2.62 -10.43
N ALA A 213 14.99 2.76 -9.76
CA ALA A 213 14.15 3.94 -9.99
C ALA A 213 14.91 5.21 -9.66
N LEU A 214 15.59 5.23 -8.52
CA LEU A 214 16.22 6.48 -8.08
C LEU A 214 17.26 6.90 -9.12
N SER A 215 18.17 5.98 -9.46
CA SER A 215 19.19 6.27 -10.49
C SER A 215 18.54 6.60 -11.83
N SER A 216 17.37 6.05 -12.13
CA SER A 216 16.62 6.50 -13.32
C SER A 216 16.35 7.98 -13.21
N VAL A 217 15.87 8.40 -12.07
CA VAL A 217 15.64 9.84 -11.89
C VAL A 217 16.94 10.58 -12.18
N ALA A 218 18.04 10.11 -11.62
CA ALA A 218 19.33 10.80 -11.79
C ALA A 218 19.75 10.85 -13.26
N LEU A 219 19.50 9.79 -14.00
CA LEU A 219 20.06 9.67 -15.34
C LEU A 219 19.27 10.50 -16.34
N ASN A 220 17.96 10.73 -16.16
CA ASN A 220 17.20 11.53 -17.14
C ASN A 220 17.00 13.00 -16.73
N LEU A 221 16.84 13.27 -15.45
CA LEU A 221 16.52 14.62 -14.97
C LEU A 221 17.53 14.99 -13.90
N PRO A 222 18.77 15.08 -14.26
CA PRO A 222 19.82 15.28 -13.27
C PRO A 222 19.84 16.70 -12.73
N SER A 223 19.79 17.65 -13.65
CA SER A 223 19.82 19.09 -13.36
C SER A 223 18.48 19.53 -12.81
N GLN A 224 17.45 18.84 -13.20
CA GLN A 224 16.08 19.31 -13.09
C GLN A 224 15.47 18.88 -11.75
N VAL A 225 15.65 17.63 -11.35
CA VAL A 225 15.01 17.05 -10.16
C VAL A 225 16.04 16.57 -9.15
N PHE A 226 16.92 15.65 -9.58
CA PHE A 226 17.77 14.87 -8.68
C PHE A 226 18.84 15.73 -8.02
N LYS A 227 19.56 16.55 -8.78
CA LYS A 227 20.63 17.33 -8.13
C LYS A 227 20.04 18.40 -7.22
N PRO A 228 19.02 19.16 -7.65
CA PRO A 228 18.31 20.05 -6.71
C PRO A 228 17.71 19.37 -5.49
N LEU A 229 17.18 18.16 -5.61
CA LEU A 229 16.67 17.47 -4.41
C LEU A 229 17.79 17.01 -3.51
N VAL A 230 18.93 16.59 -4.06
CA VAL A 230 20.01 16.10 -3.19
C VAL A 230 20.61 17.29 -2.48
N SER A 231 20.64 18.43 -3.16
CA SER A 231 21.26 19.65 -2.60
C SER A 231 20.64 20.04 -1.25
N LEU A 232 19.44 19.56 -0.93
CA LEU A 232 18.86 19.87 0.40
C LEU A 232 19.62 19.09 1.45
N PHE A 233 20.29 18.01 1.06
CA PHE A 233 20.90 17.05 1.98
C PHE A 233 22.43 17.12 1.97
N SER A 234 23.02 17.62 0.87
CA SER A 234 24.46 17.96 0.75
C SER A 234 24.67 18.79 -0.51
N PRO A 235 25.65 19.68 -0.53
CA PRO A 235 25.69 20.67 -1.59
C PRO A 235 26.21 20.03 -2.86
N ILE A 236 25.46 20.16 -3.95
CA ILE A 236 25.98 19.66 -5.22
C ILE A 236 26.39 20.85 -6.07
N GLU A 237 27.69 21.02 -6.24
CA GLU A 237 28.20 21.93 -7.26
C GLU A 237 27.63 21.48 -8.59
N PRO A 238 27.15 22.40 -9.42
CA PRO A 238 26.60 22.01 -10.71
C PRO A 238 27.77 21.61 -11.60
N SER A 239 27.46 20.96 -12.72
CA SER A 239 28.51 20.69 -13.71
C SER A 239 29.10 22.00 -14.19
N VAL A 240 30.30 21.89 -14.77
CA VAL A 240 30.82 22.90 -15.71
C VAL A 240 29.80 23.14 -16.80
N TYR A 241 29.16 22.07 -17.25
CA TYR A 241 28.15 22.13 -18.30
C TYR A 241 26.90 22.87 -17.79
N GLU A 242 26.39 22.49 -16.62
CA GLU A 242 25.31 23.26 -15.95
C GLU A 242 25.76 24.72 -15.80
N ALA A 243 26.99 24.92 -15.31
CA ALA A 243 27.47 26.24 -14.92
C ALA A 243 27.60 27.16 -16.14
N ARG A 244 28.01 26.63 -17.28
CA ARG A 244 28.23 27.49 -18.46
C ARG A 244 26.94 27.62 -19.28
N GLY A 245 26.02 26.67 -19.17
CA GLY A 245 24.69 26.89 -19.74
C GLY A 245 24.07 28.13 -19.12
N ARG A 246 24.29 28.32 -17.82
CA ARG A 246 23.81 29.47 -17.03
C ARG A 246 24.62 30.76 -17.26
N LEU A 247 25.79 30.75 -17.96
CA LEU A 247 26.53 32.01 -18.15
C LEU A 247 25.92 32.86 -19.25
N PRO A 248 26.01 34.18 -19.09
CA PRO A 248 25.75 35.12 -20.16
C PRO A 248 26.67 34.85 -21.34
N ARG A 249 26.08 34.80 -22.54
CA ARG A 249 26.76 34.22 -23.71
C ARG A 249 27.99 35.04 -24.11
N GLU A 250 27.88 36.37 -24.05
CA GLU A 250 29.02 37.22 -24.43
C GLU A 250 30.27 36.80 -23.66
N GLN A 251 30.12 36.38 -22.41
CA GLN A 251 31.26 36.05 -21.54
C GLN A 251 31.92 34.73 -21.94
N LEU A 252 31.29 33.89 -22.76
CA LEU A 252 31.83 32.54 -22.98
C LEU A 252 33.26 32.54 -23.53
N GLY A 253 33.64 33.53 -24.32
CA GLY A 253 34.97 33.57 -24.94
C GLY A 253 34.96 32.83 -26.26
N GLU A 254 36.10 32.85 -26.95
CA GLU A 254 36.24 32.21 -28.26
C GLU A 254 37.24 31.06 -28.18
N THR A 255 36.97 30.00 -28.92
CA THR A 255 37.70 28.73 -28.78
C THR A 255 39.12 28.84 -29.34
N ARG A 256 40.09 28.63 -28.47
CA ARG A 256 41.49 28.71 -28.87
C ARG A 256 42.19 27.36 -28.71
N LEU A 257 41.70 26.50 -27.83
CA LEU A 257 42.37 25.22 -27.57
C LEU A 257 42.07 24.24 -28.70
N ASP A 258 42.77 23.11 -28.68
CA ASP A 258 42.45 21.96 -29.53
C ASP A 258 42.55 20.74 -28.64
N TYR A 259 42.46 19.55 -29.19
CA TYR A 259 42.45 18.38 -28.30
C TYR A 259 43.84 18.18 -27.67
N ASP A 260 44.89 18.28 -28.48
CA ASP A 260 46.25 18.04 -27.97
C ASP A 260 46.57 19.00 -26.84
N ARG A 261 46.22 20.27 -27.02
CA ARG A 261 46.54 21.31 -26.03
C ARG A 261 45.80 20.97 -24.73
N THR A 262 44.57 20.45 -24.85
CA THR A 262 43.80 19.99 -23.68
C THR A 262 44.49 18.82 -23.00
N PHE A 263 44.94 17.87 -23.80
CA PHE A 263 45.52 16.64 -23.24
C PHE A 263 46.80 16.99 -22.47
N GLN A 264 47.61 17.93 -23.01
CA GLN A 264 48.73 18.47 -22.23
C GLN A 264 48.20 19.00 -20.89
N LEU A 265 47.21 19.92 -20.96
CA LEU A 265 46.75 20.66 -19.76
C LEU A 265 46.20 19.71 -18.73
N ALA A 266 45.51 18.67 -19.19
CA ALA A 266 44.90 17.70 -18.28
C ALA A 266 45.97 16.82 -17.64
N SER A 267 47.04 16.50 -18.36
CA SER A 267 48.12 15.75 -17.72
C SER A 267 48.86 16.64 -16.76
N VAL A 268 49.00 17.93 -17.10
CA VAL A 268 49.61 18.88 -16.16
C VAL A 268 48.80 18.93 -14.87
N GLU A 269 47.48 19.11 -14.99
CA GLU A 269 46.58 19.18 -13.82
C GLU A 269 46.47 17.82 -13.16
N ALA A 270 46.41 16.75 -13.93
CA ALA A 270 46.34 15.40 -13.35
C ALA A 270 47.52 15.13 -12.47
N ALA A 271 48.67 15.69 -12.80
CA ALA A 271 49.85 15.57 -11.92
C ALA A 271 49.49 16.07 -10.54
N ARG A 272 48.87 17.24 -10.48
CA ARG A 272 48.69 18.00 -9.26
C ARG A 272 47.66 17.35 -8.35
N LEU A 273 46.52 16.93 -8.90
CA LEU A 273 45.42 16.38 -8.10
C LEU A 273 45.65 14.92 -7.75
N GLY A 274 46.67 14.30 -8.31
CA GLY A 274 46.90 12.88 -8.09
C GLY A 274 45.86 12.03 -8.79
N ILE A 275 45.38 12.46 -9.94
CA ILE A 275 44.44 11.62 -10.67
C ILE A 275 45.25 10.52 -11.32
N ALA A 276 45.11 9.31 -10.79
CA ALA A 276 46.03 8.23 -11.13
C ALA A 276 45.85 7.78 -12.55
N GLU A 277 44.60 7.67 -12.95
CA GLU A 277 44.21 6.96 -14.17
C GLU A 277 44.72 7.70 -15.43
N PRO A 278 44.69 7.02 -16.58
CA PRO A 278 45.11 7.62 -17.85
C PRO A 278 43.99 8.21 -18.70
N ILE A 279 44.29 9.25 -19.47
CA ILE A 279 43.27 9.96 -20.25
C ILE A 279 42.72 9.05 -21.32
N GLY A 280 41.42 8.88 -21.34
CA GLY A 280 40.83 7.93 -22.29
C GLY A 280 39.82 8.59 -23.18
N GLU A 281 39.21 9.64 -22.66
CA GLU A 281 38.15 10.33 -23.39
C GLU A 281 38.56 11.79 -23.46
N LEU A 282 38.22 12.43 -24.57
CA LEU A 282 38.43 13.86 -24.71
C LEU A 282 37.17 14.45 -25.29
N TYR A 283 36.79 15.61 -24.79
CA TYR A 283 35.48 16.21 -25.05
C TYR A 283 35.63 17.69 -25.27
N TYR A 284 34.85 18.20 -26.21
CA TYR A 284 34.76 19.62 -26.54
C TYR A 284 33.28 19.95 -26.76
N SER A 285 32.82 21.08 -26.23
CA SER A 285 31.44 21.53 -26.47
C SER A 285 31.43 22.87 -27.18
N PHE A 286 30.79 22.91 -28.35
CA PHE A 286 30.61 24.16 -29.09
C PHE A 286 29.93 25.21 -28.20
N GLU A 287 28.80 24.81 -27.64
CA GLU A 287 27.85 25.76 -27.06
C GLU A 287 28.48 26.56 -25.93
N TYR A 288 29.42 25.99 -25.19
CA TYR A 288 29.91 26.71 -24.02
C TYR A 288 31.44 26.82 -23.96
N ASN A 289 32.13 26.46 -25.04
CA ASN A 289 33.57 26.79 -25.20
C ASN A 289 34.42 26.18 -24.09
N PHE A 290 34.37 24.86 -23.94
CA PHE A 290 35.25 24.21 -22.96
C PHE A 290 35.59 22.79 -23.41
N PHE A 291 36.67 22.28 -22.84
CA PHE A 291 37.19 20.95 -23.17
C PHE A 291 37.13 20.04 -21.96
N GLY A 292 37.06 18.75 -22.23
CA GLY A 292 36.96 17.74 -21.19
C GLY A 292 37.98 16.65 -21.41
N ALA A 293 38.69 16.27 -20.37
CA ALA A 293 39.64 15.16 -20.44
C ALA A 293 39.27 14.23 -19.31
N GLY A 294 38.85 13.02 -19.66
CA GLY A 294 38.28 12.10 -18.71
C GLY A 294 39.15 10.90 -18.50
N PHE A 295 39.33 10.49 -17.27
CA PHE A 295 40.40 9.54 -17.04
C PHE A 295 39.72 8.23 -16.66
N GLY A 296 40.27 7.10 -17.14
CA GLY A 296 39.81 5.75 -16.78
C GLY A 296 38.93 5.09 -17.83
N ASP A 297 38.77 3.74 -17.82
CA ASP A 297 37.97 2.99 -18.82
C ASP A 297 36.55 2.65 -18.35
N HIS A 298 35.67 2.37 -19.34
CA HIS A 298 34.21 2.19 -19.16
C HIS A 298 33.87 0.89 -18.45
N ASP A 299 34.87 0.07 -18.12
CA ASP A 299 34.67 -1.18 -17.37
C ASP A 299 34.88 -0.97 -15.86
N ASP A 300 35.30 0.22 -15.44
CA ASP A 300 35.41 0.59 -14.01
C ASP A 300 34.88 2.00 -13.85
N PRO A 301 33.59 2.24 -14.14
CA PRO A 301 33.08 3.61 -14.17
C PRO A 301 33.14 4.30 -12.82
N MET A 302 33.50 3.60 -11.75
CA MET A 302 33.56 4.28 -10.45
C MET A 302 34.88 4.99 -10.24
N GLY A 303 35.88 4.68 -11.05
CA GLY A 303 37.20 5.28 -10.87
C GLY A 303 37.50 6.31 -11.93
N LYS A 304 36.50 6.68 -12.72
CA LYS A 304 36.70 7.64 -13.80
C LYS A 304 36.67 9.05 -13.24
N SER A 305 37.61 9.89 -13.64
CA SER A 305 37.57 11.29 -13.23
C SER A 305 37.35 12.14 -14.46
N TRP A 306 36.98 13.40 -14.30
CA TRP A 306 36.99 14.34 -15.44
C TRP A 306 37.64 15.65 -15.03
N LEU A 307 38.27 16.31 -15.98
CA LEU A 307 38.74 17.67 -15.79
C LEU A 307 38.28 18.49 -16.98
N PHE A 308 37.80 19.69 -16.73
CA PHE A 308 37.29 20.56 -17.79
C PHE A 308 38.04 21.87 -17.80
N PHE A 309 38.42 22.30 -19.00
CA PHE A 309 39.30 23.44 -19.25
C PHE A 309 38.60 24.49 -20.13
N HIS A 310 38.85 25.77 -19.84
CA HIS A 310 38.32 26.92 -20.62
C HIS A 310 38.82 26.87 -22.07
N GLY A 311 37.94 27.23 -23.02
CA GLY A 311 38.29 27.18 -24.44
C GLY A 311 39.35 28.21 -24.84
N SER A 312 39.40 29.35 -24.16
CA SER A 312 40.36 30.43 -24.43
C SER A 312 41.58 30.32 -23.53
N ASP A 313 41.38 30.38 -22.21
CA ASP A 313 42.51 30.48 -21.28
C ASP A 313 43.28 29.18 -21.29
N GLY A 314 42.57 28.06 -21.36
CA GLY A 314 43.15 26.80 -20.97
C GLY A 314 43.12 26.57 -19.47
N ARG A 315 42.54 27.48 -18.69
CA ARG A 315 42.51 27.35 -17.22
C ARG A 315 41.54 26.26 -16.81
N LEU A 316 41.70 25.74 -15.60
CA LEU A 316 40.86 24.64 -15.12
C LEU A 316 39.49 25.18 -14.75
N LEU A 317 38.46 24.81 -15.49
CA LEU A 317 37.09 25.25 -15.17
C LEU A 317 36.44 24.38 -14.09
N GLY A 318 36.68 23.07 -14.08
CA GLY A 318 36.11 22.23 -13.02
C GLY A 318 36.69 20.84 -12.95
N GLN A 319 36.54 20.21 -11.80
CA GLN A 319 37.17 18.91 -11.61
C GLN A 319 36.14 17.95 -11.04
N GLU A 320 36.15 16.72 -11.51
CA GLU A 320 35.23 15.68 -11.05
C GLU A 320 36.03 14.44 -10.74
N VAL A 321 37.00 14.58 -9.84
CA VAL A 321 37.97 13.53 -9.51
C VAL A 321 37.29 12.43 -8.72
N ALA A 322 37.19 11.23 -9.28
CA ALA A 322 36.31 10.20 -8.69
C ALA A 322 36.77 9.85 -7.28
N GLY A 323 35.77 9.65 -6.41
CA GLY A 323 36.04 9.34 -5.02
C GLY A 323 36.22 10.59 -4.21
N GLN A 324 35.98 11.76 -4.81
CA GLN A 324 36.28 13.02 -4.13
C GLN A 324 35.15 14.01 -4.34
N GLY A 325 35.05 14.98 -3.45
CA GLY A 325 33.94 15.92 -3.53
C GLY A 325 33.11 15.89 -2.28
N SER A 326 31.92 16.41 -2.37
CA SER A 326 30.93 16.42 -1.29
C SER A 326 30.06 15.18 -1.38
N TRP A 327 29.39 14.85 -0.29
CA TRP A 327 28.56 13.64 -0.26
C TRP A 327 27.63 13.66 -1.44
N GLY A 328 27.00 14.80 -1.67
CA GLY A 328 25.97 14.86 -2.70
C GLY A 328 26.61 14.62 -4.05
N GLU A 329 27.82 15.12 -4.22
CA GLU A 329 28.50 15.01 -5.52
C GLU A 329 28.89 13.55 -5.74
N ARG A 330 29.57 12.91 -4.80
CA ARG A 330 29.91 11.53 -5.15
C ARG A 330 28.67 10.63 -5.10
N PHE A 331 27.61 11.03 -4.40
CA PHE A 331 26.35 10.26 -4.41
C PHE A 331 25.72 10.36 -5.80
N TYR A 332 25.96 11.47 -6.49
CA TYR A 332 25.53 11.60 -7.89
C TYR A 332 26.35 10.67 -8.77
N ARG A 333 27.67 10.73 -8.65
CA ARG A 333 28.51 9.90 -9.55
C ARG A 333 28.38 8.42 -9.21
N LEU A 334 27.76 8.03 -8.11
CA LEU A 334 27.44 6.60 -7.95
C LEU A 334 26.17 6.21 -8.69
N GLN A 335 25.34 7.15 -9.14
CA GLN A 335 24.06 6.67 -9.67
C GLN A 335 24.29 5.91 -10.95
N TYR A 336 25.14 6.39 -11.82
CA TYR A 336 25.29 5.67 -13.09
C TYR A 336 25.99 4.32 -12.88
N PRO A 337 26.98 4.19 -11.99
CA PRO A 337 27.47 2.86 -11.62
C PRO A 337 26.44 1.96 -10.96
N ILE A 338 25.48 2.51 -10.25
CA ILE A 338 24.46 1.68 -9.60
C ILE A 338 23.45 1.22 -10.65
N HIS A 339 23.04 2.10 -11.54
CA HIS A 339 22.04 1.75 -12.55
C HIS A 339 22.49 0.57 -13.40
N GLY A 340 23.75 0.55 -13.79
CA GLY A 340 24.38 -0.43 -14.68
C GLY A 340 24.94 -1.65 -13.99
N GLY A 341 24.78 -1.77 -12.68
CA GLY A 341 25.24 -2.91 -11.92
C GLY A 341 26.72 -2.85 -11.66
N ARG A 342 27.46 -2.01 -12.38
CA ARG A 342 28.93 -2.05 -12.36
C ARG A 342 29.47 -1.83 -10.97
N ILE A 343 28.69 -1.22 -10.11
CA ILE A 343 29.07 -1.12 -8.70
C ILE A 343 29.32 -2.52 -8.11
N ALA A 344 28.68 -3.57 -8.63
CA ALA A 344 28.90 -4.93 -8.11
C ALA A 344 29.63 -5.86 -9.09
N GLY A 345 30.32 -5.32 -10.09
CA GLY A 345 31.10 -6.15 -10.98
C GLY A 345 30.23 -6.92 -11.96
N LEU A 346 30.79 -7.96 -12.56
CA LEU A 346 29.95 -8.79 -13.43
C LEU A 346 28.78 -9.38 -12.67
N PRO A 347 28.89 -9.73 -11.38
CA PRO A 347 27.69 -10.15 -10.62
C PRO A 347 26.59 -9.12 -10.76
N GLY A 348 26.92 -7.90 -10.38
CA GLY A 348 25.95 -6.80 -10.42
C GLY A 348 25.35 -6.61 -11.79
N ARG A 349 26.17 -6.63 -12.84
CA ARG A 349 25.65 -6.50 -14.22
C ARG A 349 24.66 -7.62 -14.45
N ILE A 350 25.05 -8.82 -14.10
CA ILE A 350 24.07 -9.91 -14.17
C ILE A 350 22.91 -9.57 -13.27
N ALA A 351 23.18 -9.10 -12.05
CA ALA A 351 22.10 -8.70 -11.14
C ALA A 351 21.13 -7.76 -11.85
N ILE A 352 21.61 -6.65 -12.41
CA ILE A 352 20.70 -5.66 -13.02
C ILE A 352 19.97 -6.30 -14.19
N ALA A 353 20.69 -7.08 -15.01
CA ALA A 353 20.09 -7.75 -16.15
C ALA A 353 18.89 -8.55 -15.70
N ALA A 354 18.93 -9.08 -14.47
CA ALA A 354 17.78 -9.78 -13.86
C ALA A 354 16.64 -8.82 -13.49
N LEU A 355 16.93 -7.76 -12.73
CA LEU A 355 15.87 -6.88 -12.20
C LEU A 355 15.03 -6.29 -13.31
N GLY A 356 15.66 -5.84 -14.39
CA GLY A 356 14.93 -5.35 -15.56
C GLY A 356 13.93 -6.35 -16.12
N LEU A 357 14.28 -7.65 -16.10
CA LEU A 357 13.36 -8.74 -16.44
C LEU A 357 12.25 -8.82 -15.40
N ALA A 358 12.62 -8.84 -14.13
CA ALA A 358 11.61 -8.83 -13.05
C ALA A 358 10.61 -7.71 -13.25
N ILE A 359 11.14 -6.51 -13.47
CA ILE A 359 10.33 -5.30 -13.63
C ILE A 359 9.35 -5.52 -14.78
N ALA A 360 9.86 -5.97 -15.91
CA ALA A 360 8.98 -6.37 -17.01
C ALA A 360 7.86 -7.26 -16.48
N GLY A 361 8.23 -8.36 -15.85
CA GLY A 361 7.25 -9.27 -15.28
C GLY A 361 6.28 -8.53 -14.38
N LEU A 362 6.81 -7.78 -13.42
CA LEU A 362 5.95 -7.02 -12.52
C LEU A 362 4.95 -6.21 -13.33
N SER A 363 5.44 -5.32 -14.22
CA SER A 363 4.53 -4.39 -14.92
C SER A 363 3.50 -5.15 -15.74
N LEU A 364 3.78 -6.41 -16.11
CA LEU A 364 2.79 -7.22 -16.81
C LEU A 364 1.82 -7.81 -15.83
N THR A 365 2.33 -8.59 -14.89
CA THR A 365 1.42 -9.32 -14.01
C THR A 365 0.47 -8.34 -13.35
N GLY A 366 0.98 -7.16 -13.03
CA GLY A 366 0.21 -6.11 -12.38
C GLY A 366 -0.82 -5.46 -13.29
N VAL A 367 -0.57 -5.39 -14.58
CA VAL A 367 -1.63 -4.81 -15.40
C VAL A 367 -2.71 -5.89 -15.55
N TYR A 368 -2.32 -7.18 -15.52
CA TYR A 368 -3.24 -8.32 -15.69
C TYR A 368 -4.24 -8.37 -14.55
N ILE A 369 -3.75 -8.22 -13.32
CA ILE A 369 -4.65 -8.29 -12.17
C ILE A 369 -5.58 -7.08 -12.17
N TRP A 370 -5.26 -6.02 -12.92
CA TRP A 370 -6.23 -4.97 -13.27
C TRP A 370 -7.23 -5.50 -14.30
N TRP A 371 -6.74 -6.12 -15.37
CA TRP A 371 -7.57 -6.63 -16.48
C TRP A 371 -8.63 -7.59 -15.97
N ARG A 372 -8.21 -8.63 -15.24
CA ARG A 372 -9.10 -9.68 -14.78
C ARG A 372 -9.97 -9.18 -13.63
N LYS A 373 -9.51 -8.21 -12.84
CA LYS A 373 -10.47 -7.49 -11.98
C LYS A 373 -11.52 -6.78 -12.84
N ARG A 374 -11.11 -6.15 -13.95
CA ARG A 374 -12.04 -5.43 -14.83
C ARG A 374 -12.90 -6.41 -15.63
N ARG A 375 -12.45 -7.67 -15.80
CA ARG A 375 -13.25 -8.74 -16.44
C ARG A 375 -14.55 -9.02 -15.70
N ALA A 376 -14.67 -8.70 -14.41
CA ALA A 376 -15.98 -8.93 -13.78
C ALA A 376 -17.03 -8.00 -14.40
N ARG A 377 -16.66 -6.79 -14.84
CA ARG A 377 -17.63 -5.78 -15.37
C ARG A 377 -18.09 -6.13 -16.80
N HIS A 378 -17.23 -6.77 -17.61
CA HIS A 378 -17.47 -7.24 -19.01
C HIS A 378 -18.91 -7.75 -19.22
N MET B 1 -59.44 9.90 18.47
CA MET B 1 -58.76 8.61 18.78
C MET B 1 -57.51 8.73 19.71
N ARG B 2 -57.07 9.94 20.08
CA ARG B 2 -55.81 10.15 20.82
C ARG B 2 -55.80 9.49 22.19
N PRO B 3 -56.83 9.60 23.06
CA PRO B 3 -56.74 9.01 24.39
C PRO B 3 -56.64 7.49 24.35
N VAL B 4 -57.15 6.88 23.27
CA VAL B 4 -57.01 5.43 23.03
C VAL B 4 -55.52 5.07 22.96
N LEU B 5 -54.75 5.86 22.19
CA LEU B 5 -53.30 5.66 21.98
C LEU B 5 -52.47 6.07 23.20
N VAL B 6 -52.93 7.02 24.03
CA VAL B 6 -52.22 7.34 25.29
C VAL B 6 -52.35 6.18 26.27
N LEU B 7 -53.51 5.53 26.33
CA LEU B 7 -53.59 4.30 27.14
C LEU B 7 -52.78 3.18 26.51
N LEU B 8 -52.62 3.14 25.18
CA LEU B 8 -51.69 2.15 24.60
C LEU B 8 -50.26 2.39 25.08
N HIS B 9 -49.83 3.66 25.11
CA HIS B 9 -48.49 3.97 25.61
C HIS B 9 -48.39 3.64 27.10
N ARG B 10 -49.42 3.94 27.87
CA ARG B 10 -49.44 3.66 29.31
C ARG B 10 -49.21 2.17 29.55
N TYR B 11 -49.77 1.31 28.71
CA TYR B 11 -49.60 -0.15 28.87
C TYR B 11 -48.17 -0.55 28.52
N VAL B 12 -47.76 -0.25 27.28
CA VAL B 12 -46.51 -0.78 26.71
C VAL B 12 -45.32 -0.26 27.51
N GLY B 13 -45.34 1.03 27.90
CA GLY B 13 -44.26 1.63 28.70
C GLY B 13 -44.11 1.02 30.07
N LEU B 14 -45.15 0.38 30.58
CA LEU B 14 -44.98 -0.34 31.84
C LEU B 14 -44.39 -1.70 31.56
N ALA B 15 -44.84 -2.36 30.50
CA ALA B 15 -44.32 -3.68 30.12
C ALA B 15 -42.79 -3.61 29.95
N THR B 16 -42.33 -2.56 29.28
CA THR B 16 -40.92 -2.37 28.87
C THR B 16 -40.07 -1.75 29.99
N ALA B 17 -40.68 -1.32 31.11
CA ALA B 17 -40.05 -0.34 32.01
C ALA B 17 -38.68 -0.81 32.51
N LEU B 18 -38.60 -1.96 33.18
CA LEU B 18 -37.32 -2.39 33.76
C LEU B 18 -36.43 -3.03 32.69
N PHE B 19 -37.02 -3.62 31.67
CA PHE B 19 -36.22 -4.14 30.57
C PHE B 19 -35.46 -3.01 29.92
N LEU B 20 -36.15 -1.93 29.60
CA LEU B 20 -35.46 -0.75 29.05
C LEU B 20 -34.63 -0.04 30.12
N PHE B 21 -34.95 -0.21 31.40
CA PHE B 21 -34.09 0.35 32.45
C PHE B 21 -32.73 -0.35 32.48
N LEU B 22 -32.72 -1.66 32.72
CA LEU B 22 -31.49 -2.45 32.63
C LEU B 22 -30.79 -2.19 31.30
N ALA B 23 -31.52 -2.35 30.19
CA ALA B 23 -30.92 -2.29 28.86
C ALA B 23 -30.35 -0.90 28.60
N GLY B 24 -30.99 0.16 29.10
CA GLY B 24 -30.52 1.51 28.84
C GLY B 24 -29.35 1.84 29.71
N LEU B 25 -29.41 1.33 30.93
CA LEU B 25 -28.39 1.61 31.94
C LEU B 25 -27.11 0.88 31.58
N THR B 26 -27.20 -0.44 31.40
CA THR B 26 -26.06 -1.22 30.87
C THR B 26 -25.67 -0.70 29.50
N GLY B 27 -26.63 -0.15 28.75
CA GLY B 27 -26.33 0.37 27.42
C GLY B 27 -25.27 1.44 27.46
N SER B 28 -25.27 2.28 28.49
CA SER B 28 -24.18 3.27 28.67
C SER B 28 -22.83 2.56 28.82
N LEU B 29 -22.74 1.49 29.59
CA LEU B 29 -21.47 0.80 29.81
C LEU B 29 -21.00 0.17 28.50
N LEU B 30 -21.88 -0.54 27.83
CA LEU B 30 -21.53 -1.13 26.53
C LEU B 30 -21.32 -0.06 25.47
N ALA B 31 -21.65 1.21 25.78
CA ALA B 31 -21.25 2.32 24.90
C ALA B 31 -19.73 2.51 24.94
N PHE B 32 -19.07 2.13 26.03
CA PHE B 32 -17.62 2.30 26.09
C PHE B 32 -16.88 1.05 26.56
N HIS B 33 -17.41 -0.14 26.26
CA HIS B 33 -16.89 -1.38 26.86
C HIS B 33 -15.50 -1.69 26.37
N HIS B 34 -15.16 -1.37 25.11
CA HIS B 34 -13.77 -1.59 24.64
C HIS B 34 -12.80 -0.83 25.56
N GLU B 35 -13.11 0.43 25.87
CA GLU B 35 -12.20 1.27 26.66
C GLU B 35 -12.19 0.84 28.13
N ILE B 36 -13.36 0.51 28.69
CA ILE B 36 -13.45 0.00 30.09
C ILE B 36 -12.65 -1.29 30.23
N ASP B 37 -12.58 -2.11 29.19
CA ASP B 37 -11.86 -3.39 29.34
C ASP B 37 -10.33 -3.17 29.29
N GLU B 38 -9.83 -2.26 28.44
CA GLU B 38 -8.39 -1.92 28.48
C GLU B 38 -8.03 -1.35 29.86
N TRP B 39 -8.91 -0.55 30.46
CA TRP B 39 -8.68 -0.08 31.83
C TRP B 39 -8.70 -1.25 32.82
N LEU B 40 -9.65 -2.18 32.70
CA LEU B 40 -9.83 -3.19 33.76
C LEU B 40 -8.76 -4.28 33.70
N ASN B 41 -8.20 -4.62 32.53
CA ASN B 41 -7.38 -5.84 32.36
C ASN B 41 -6.15 -5.53 31.52
N PRO B 42 -5.29 -4.56 31.94
CA PRO B 42 -4.33 -3.97 31.00
C PRO B 42 -3.39 -4.98 30.39
N GLY B 43 -3.16 -6.11 31.06
CA GLY B 43 -2.34 -7.18 30.50
C GLY B 43 -2.94 -7.73 29.22
N PHE B 44 -4.27 -7.75 29.12
CA PHE B 44 -4.96 -8.38 27.97
C PHE B 44 -4.83 -7.53 26.70
N TYR B 45 -4.66 -6.21 26.85
CA TYR B 45 -4.55 -5.28 25.72
C TYR B 45 -3.21 -4.56 25.78
N ALA B 46 -2.14 -5.27 26.12
CA ALA B 46 -0.82 -4.67 26.29
C ALA B 46 -0.11 -4.57 24.94
N VAL B 47 1.01 -3.86 24.94
CA VAL B 47 1.69 -3.46 23.69
C VAL B 47 2.33 -4.71 23.09
N GLY B 48 2.33 -4.82 21.76
CA GLY B 48 3.05 -5.88 21.09
C GLY B 48 4.54 -5.57 20.98
N GLU B 49 5.37 -6.62 21.03
CA GLU B 49 6.83 -6.47 20.88
C GLU B 49 7.30 -7.49 19.86
N GLY B 50 7.25 -7.11 18.60
CA GLY B 50 7.76 -8.01 17.58
C GLY B 50 7.64 -7.35 16.24
N GLY B 51 8.38 -7.88 15.28
CA GLY B 51 8.34 -7.22 13.97
C GLY B 51 7.40 -7.91 13.03
N GLU B 52 7.81 -9.16 12.76
CA GLU B 52 7.16 -10.04 11.76
C GLU B 52 6.26 -11.09 12.42
N ARG B 53 4.95 -10.99 12.08
CA ARG B 53 3.82 -11.66 12.75
C ARG B 53 3.87 -13.16 12.48
N LEU B 54 3.26 -13.93 13.38
CA LEU B 54 3.13 -15.37 13.16
C LEU B 54 1.90 -15.60 12.28
N SER B 55 1.79 -16.81 11.69
CA SER B 55 0.66 -17.06 10.78
C SER B 55 -0.62 -17.24 11.61
N PRO B 56 -1.82 -16.87 11.10
CA PRO B 56 -3.07 -17.18 11.82
C PRO B 56 -3.27 -18.67 12.17
N GLY B 57 -2.88 -19.59 11.27
CA GLY B 57 -2.93 -21.03 11.54
C GLY B 57 -1.89 -21.47 12.55
N SER B 58 -0.77 -20.72 12.66
CA SER B 58 0.21 -20.86 13.75
C SER B 58 -0.42 -20.50 15.11
N LEU B 59 -1.03 -19.31 15.21
CA LEU B 59 -1.70 -18.86 16.44
C LEU B 59 -2.85 -19.79 16.81
N VAL B 60 -3.50 -20.41 15.83
CA VAL B 60 -4.53 -21.46 16.05
C VAL B 60 -3.93 -22.75 16.60
N GLN B 61 -2.78 -23.19 16.06
CA GLN B 61 -2.07 -24.43 16.46
C GLN B 61 -1.65 -24.38 17.94
N ARG B 62 -0.90 -23.30 18.31
CA ARG B 62 -0.38 -23.07 19.67
C ARG B 62 -1.49 -23.23 20.71
N VAL B 63 -2.61 -22.55 20.52
CA VAL B 63 -3.72 -22.57 21.49
C VAL B 63 -4.53 -23.88 21.42
N GLU B 64 -4.90 -24.39 20.23
CA GLU B 64 -5.74 -25.61 20.23
C GLU B 64 -4.99 -26.81 20.81
N SER B 65 -3.66 -26.76 20.86
CA SER B 65 -2.83 -27.81 21.47
C SER B 65 -2.51 -27.52 22.94
N ARG B 66 -2.23 -26.27 23.33
CA ARG B 66 -2.02 -25.94 24.75
C ARG B 66 -3.28 -26.23 25.56
N TYR B 67 -4.44 -26.22 24.90
CA TYR B 67 -5.74 -26.56 25.48
C TYR B 67 -6.42 -27.54 24.53
N PRO B 68 -6.03 -28.83 24.55
CA PRO B 68 -6.49 -29.77 23.53
C PRO B 68 -8.00 -30.06 23.62
N ARG B 69 -8.65 -29.59 24.69
CA ARG B 69 -10.08 -29.87 24.94
C ARG B 69 -11.00 -28.76 24.41
N GLN B 70 -10.52 -27.90 23.50
CA GLN B 70 -11.31 -26.74 23.01
C GLN B 70 -11.05 -26.52 21.52
N LEU B 71 -12.02 -25.88 20.84
CA LEU B 71 -11.92 -25.53 19.41
C LEU B 71 -11.78 -24.03 19.25
N VAL B 72 -10.77 -23.61 18.51
CA VAL B 72 -10.68 -22.18 18.17
C VAL B 72 -11.72 -21.96 17.07
N TRP B 73 -12.61 -20.99 17.30
CA TRP B 73 -13.68 -20.67 16.35
C TRP B 73 -13.68 -19.21 15.94
N TYR B 74 -13.14 -18.31 16.78
CA TYR B 74 -12.95 -16.91 16.37
C TYR B 74 -11.57 -16.43 16.82
N MET B 75 -11.03 -15.49 16.06
CA MET B 75 -9.84 -14.77 16.50
C MET B 75 -9.81 -13.41 15.83
N GLU B 76 -9.23 -12.44 16.53
CA GLU B 76 -8.76 -11.19 15.90
C GLU B 76 -7.24 -11.29 15.79
N TYR B 77 -6.76 -11.07 14.58
CA TYR B 77 -5.35 -11.14 14.16
C TYR B 77 -4.88 -9.69 14.02
N PRO B 78 -4.11 -9.16 14.98
CA PRO B 78 -3.68 -7.78 14.88
C PRO B 78 -2.37 -7.65 14.11
N GLU B 79 -2.08 -6.37 13.88
CA GLU B 79 -0.81 -5.86 13.32
C GLU B 79 0.18 -5.95 14.49
N ALA B 80 1.45 -5.93 14.19
CA ALA B 80 2.35 -6.53 15.18
C ALA B 80 2.55 -5.58 16.37
N GLY B 81 2.56 -4.27 16.08
CA GLY B 81 2.97 -3.25 17.03
C GLY B 81 1.98 -3.04 18.18
N GLY B 82 0.81 -3.65 18.14
CA GLY B 82 -0.05 -3.45 19.30
C GLY B 82 -1.18 -4.42 19.34
N HIS B 83 -1.82 -4.53 20.50
CA HIS B 83 -3.01 -5.37 20.81
C HIS B 83 -2.18 -6.63 20.96
N PRO B 84 -2.64 -7.60 21.74
CA PRO B 84 -2.36 -9.02 21.66
C PRO B 84 -3.49 -9.71 20.89
N ALA B 85 -3.16 -10.65 20.02
CA ALA B 85 -4.21 -11.31 19.22
C ALA B 85 -5.19 -12.01 20.16
N LEU B 86 -6.49 -11.93 19.88
CA LEU B 86 -7.46 -12.57 20.78
C LEU B 86 -8.06 -13.78 20.08
N LEU B 87 -7.90 -14.94 20.69
CA LEU B 87 -8.41 -16.20 20.13
C LEU B 87 -9.52 -16.69 21.04
N ALA B 88 -10.69 -16.98 20.47
CA ALA B 88 -11.85 -17.48 21.24
C ALA B 88 -12.10 -18.92 20.83
N THR B 89 -12.01 -19.78 21.83
CA THR B 89 -12.03 -21.24 21.69
C THR B 89 -13.28 -21.80 22.32
N VAL B 90 -14.02 -22.61 21.57
CA VAL B 90 -15.27 -23.23 22.07
C VAL B 90 -14.89 -24.64 22.48
N PRO B 91 -15.47 -25.19 23.56
CA PRO B 91 -15.12 -26.50 24.02
C PRO B 91 -15.47 -27.54 22.96
N ARG B 92 -14.54 -28.50 22.77
CA ARG B 92 -14.64 -29.67 21.86
C ARG B 92 -15.56 -30.76 22.43
N GLU B 93 -15.50 -30.95 23.75
CA GLU B 93 -16.31 -31.96 24.45
C GLU B 93 -17.65 -31.29 24.73
N ALA B 94 -18.78 -31.96 24.52
CA ALA B 94 -20.07 -31.28 24.71
C ALA B 94 -20.21 -30.78 26.14
N GLY B 95 -20.64 -29.53 26.31
CA GLY B 95 -20.87 -28.91 27.63
C GLY B 95 -19.64 -29.02 28.51
N ALA B 96 -18.46 -28.79 27.96
CA ALA B 96 -17.21 -28.95 28.72
C ALA B 96 -16.90 -27.71 29.53
N LYS B 97 -16.51 -27.91 30.77
CA LYS B 97 -15.99 -26.78 31.55
C LYS B 97 -14.59 -26.57 30.99
N VAL B 98 -14.20 -25.35 30.69
CA VAL B 98 -12.82 -25.16 30.15
C VAL B 98 -12.05 -24.21 31.05
N GLU B 99 -12.74 -23.59 32.01
CA GLU B 99 -12.22 -22.59 32.97
C GLU B 99 -11.94 -21.26 32.25
N HIS B 100 -11.11 -21.28 31.21
CA HIS B 100 -10.73 -20.05 30.47
C HIS B 100 -10.97 -20.21 28.96
N ASP B 101 -12.02 -19.58 28.45
CA ASP B 101 -12.50 -19.58 27.05
C ASP B 101 -11.67 -18.78 26.04
N VAL B 102 -11.20 -17.59 26.43
CA VAL B 102 -10.54 -16.65 25.47
C VAL B 102 -9.10 -16.35 25.91
N PHE B 103 -8.16 -16.30 24.95
CA PHE B 103 -6.74 -16.08 25.29
C PHE B 103 -6.09 -15.03 24.41
N TYR B 104 -5.18 -14.25 24.98
CA TYR B 104 -4.47 -13.18 24.25
C TYR B 104 -3.03 -13.66 24.06
N LEU B 105 -2.54 -13.67 22.83
CA LEU B 105 -1.21 -14.19 22.45
C LEU B 105 -0.43 -13.11 21.69
N ASP B 106 0.85 -12.88 21.95
CA ASP B 106 1.66 -11.93 21.17
C ASP B 106 1.68 -12.40 19.70
N PRO B 107 1.58 -11.47 18.74
CA PRO B 107 1.48 -11.92 17.34
C PRO B 107 2.79 -12.49 16.78
N VAL B 108 3.94 -12.09 17.36
CA VAL B 108 5.28 -12.52 16.88
C VAL B 108 5.79 -13.71 17.69
N SER B 109 5.64 -13.68 19.02
CA SER B 109 6.12 -14.79 19.89
C SER B 109 5.09 -15.92 19.97
N GLY B 110 3.80 -15.59 19.93
CA GLY B 110 2.73 -16.57 20.18
C GLY B 110 2.70 -17.04 21.61
N GLU B 111 3.08 -16.18 22.55
CA GLU B 111 3.09 -16.49 23.99
C GLU B 111 1.84 -15.91 24.64
N GLU B 112 1.09 -16.78 25.33
CA GLU B 112 -0.14 -16.42 26.05
C GLU B 112 0.16 -15.29 27.04
N VAL B 113 -0.63 -14.22 26.98
CA VAL B 113 -0.52 -13.09 27.91
C VAL B 113 -1.90 -12.78 28.51
N GLY B 114 -2.75 -13.81 28.68
CA GLY B 114 -4.02 -13.65 29.41
C GLY B 114 -5.04 -14.73 29.09
N LYS B 115 -6.00 -14.93 30.01
CA LYS B 115 -7.18 -15.78 29.74
C LYS B 115 -8.39 -15.37 30.60
N ARG B 116 -9.60 -15.76 30.19
CA ARG B 116 -10.79 -15.34 30.99
C ARG B 116 -11.98 -16.29 30.80
N LEU B 117 -12.80 -16.40 31.85
CA LEU B 117 -14.04 -17.22 31.87
C LEU B 117 -15.05 -16.64 30.86
N TRP B 118 -15.07 -15.31 30.75
CA TRP B 118 -15.93 -14.48 29.85
C TRP B 118 -17.38 -14.43 30.33
N ALA B 119 -17.62 -14.79 31.61
CA ALA B 119 -18.95 -14.76 32.28
C ALA B 119 -18.80 -15.12 33.76
N ALA B 120 -19.94 -15.24 34.44
CA ALA B 120 -20.11 -15.73 35.83
C ALA B 120 -19.55 -14.77 36.90
N CYS B 121 -19.17 -13.54 36.54
CA CYS B 121 -18.65 -12.55 37.50
C CYS B 121 -19.16 -11.17 37.11
N CYS B 122 -19.44 -10.34 38.10
CA CYS B 122 -19.86 -8.94 37.87
C CYS B 122 -18.70 -7.97 38.01
N PHE B 123 -18.14 -7.86 39.23
CA PHE B 123 -17.07 -6.89 39.53
C PHE B 123 -15.75 -7.34 38.89
N GLN B 124 -15.27 -8.51 39.29
CA GLN B 124 -13.87 -8.87 39.06
C GLN B 124 -13.52 -8.64 37.60
N PRO B 125 -12.52 -7.78 37.30
CA PRO B 125 -12.33 -7.22 35.95
C PRO B 125 -12.23 -8.21 34.79
N ALA B 126 -11.94 -9.49 35.04
CA ALA B 126 -11.84 -10.44 33.93
C ALA B 126 -13.22 -10.67 33.28
N ASN B 127 -14.29 -10.52 34.08
CA ASN B 127 -15.68 -10.82 33.66
C ASN B 127 -16.66 -9.65 33.91
N LEU B 128 -16.19 -8.40 33.96
CA LEU B 128 -17.10 -7.26 34.14
C LEU B 128 -17.78 -6.95 32.82
N VAL B 129 -16.96 -6.50 31.90
CA VAL B 129 -17.47 -6.10 30.57
C VAL B 129 -18.14 -7.30 29.92
N PRO B 130 -17.52 -8.47 29.86
CA PRO B 130 -18.12 -9.63 29.21
C PRO B 130 -19.47 -10.05 29.79
N TRP B 131 -19.72 -9.81 31.08
CA TRP B 131 -21.04 -10.07 31.69
C TRP B 131 -22.01 -8.93 31.38
N VAL B 132 -21.68 -7.66 31.68
CA VAL B 132 -22.63 -6.55 31.51
C VAL B 132 -23.16 -6.59 30.08
N LEU B 133 -22.34 -7.11 29.15
CA LEU B 133 -22.77 -7.30 27.76
C LEU B 133 -23.72 -8.49 27.64
N GLU B 134 -23.54 -9.54 28.45
CA GLU B 134 -24.42 -10.72 28.36
C GLU B 134 -25.74 -10.47 29.10
N PHE B 135 -25.72 -9.57 30.07
CA PHE B 135 -26.90 -9.18 30.86
C PHE B 135 -27.73 -8.15 30.08
N HIS B 136 -27.04 -7.15 29.53
CA HIS B 136 -27.64 -6.19 28.60
C HIS B 136 -28.35 -6.91 27.47
N HIS B 137 -27.78 -8.04 27.08
CA HIS B 137 -28.14 -8.84 25.91
C HIS B 137 -29.33 -9.75 26.24
N ASN B 138 -29.21 -10.55 27.31
CA ASN B 138 -30.16 -11.63 27.61
C ASN B 138 -30.70 -11.59 29.02
N LEU B 139 -30.27 -10.63 29.82
CA LEU B 139 -30.35 -10.66 31.28
C LEU B 139 -29.55 -11.84 31.83
N THR B 140 -28.73 -12.46 30.98
CA THR B 140 -28.00 -13.72 31.22
C THR B 140 -28.97 -14.90 31.28
N LEU B 141 -30.18 -14.76 30.76
CA LEU B 141 -31.18 -15.82 30.96
C LEU B 141 -30.86 -17.00 30.05
N PRO B 142 -31.29 -18.19 30.42
CA PRO B 142 -31.03 -19.40 29.63
C PRO B 142 -31.85 -19.62 28.34
N GLY B 143 -31.12 -20.03 27.30
CA GLY B 143 -31.65 -20.34 25.97
C GLY B 143 -31.84 -19.10 25.11
N ASN B 144 -32.94 -19.09 24.34
CA ASN B 144 -33.46 -17.89 23.67
C ASN B 144 -34.31 -17.02 24.61
N TRP B 145 -34.80 -17.58 25.74
CA TRP B 145 -35.50 -16.76 26.74
C TRP B 145 -34.54 -15.64 27.12
N GLY B 146 -34.89 -14.41 26.77
CA GLY B 146 -34.00 -13.29 27.09
C GLY B 146 -33.31 -12.73 25.86
N LEU B 147 -32.96 -13.57 24.89
CA LEU B 147 -32.71 -13.07 23.52
C LEU B 147 -34.06 -12.71 22.90
N TYR B 148 -35.03 -13.63 23.08
CA TYR B 148 -36.44 -13.51 22.67
C TYR B 148 -37.21 -12.55 23.57
N LEU B 149 -37.11 -12.72 24.89
CA LEU B 149 -37.81 -11.79 25.78
C LEU B 149 -37.36 -10.38 25.43
N MET B 150 -36.06 -10.17 25.50
CA MET B 150 -35.51 -8.82 25.32
C MET B 150 -35.74 -8.31 23.91
N GLY B 151 -35.54 -9.14 22.88
CA GLY B 151 -35.78 -8.73 21.49
C GLY B 151 -37.24 -8.34 21.23
N GLY B 152 -38.18 -9.03 21.88
CA GLY B 152 -39.59 -8.64 21.87
C GLY B 152 -39.85 -7.36 22.62
N VAL B 153 -39.28 -7.24 23.81
CA VAL B 153 -39.31 -5.97 24.55
C VAL B 153 -38.86 -4.87 23.60
N ALA B 154 -37.79 -5.13 22.85
CA ALA B 154 -37.21 -4.18 21.88
C ALA B 154 -38.25 -3.84 20.81
N MET B 155 -38.91 -4.85 20.28
CA MET B 155 -39.86 -4.55 19.20
C MET B 155 -41.09 -3.83 19.76
N PHE B 156 -41.55 -4.14 20.97
CA PHE B 156 -42.62 -3.32 21.57
C PHE B 156 -42.14 -1.89 21.75
N TRP B 157 -40.92 -1.74 22.23
CA TRP B 157 -40.36 -0.42 22.49
C TRP B 157 -40.37 0.36 21.18
N PHE B 158 -40.06 -0.32 20.08
CA PHE B 158 -40.11 0.29 18.76
C PHE B 158 -41.48 0.83 18.49
N LEU B 159 -42.49 -0.01 18.69
CA LEU B 159 -43.87 0.36 18.38
C LEU B 159 -44.31 1.52 19.25
N ASP B 160 -43.88 1.48 20.50
CA ASP B 160 -44.17 2.53 21.46
C ASP B 160 -43.65 3.85 20.91
N CYS B 161 -42.46 3.82 20.30
CA CYS B 161 -41.89 5.01 19.65
C CYS B 161 -42.76 5.45 18.49
N PHE B 162 -43.24 4.50 17.69
CA PHE B 162 -43.98 4.82 16.46
C PHE B 162 -45.35 5.40 16.81
N VAL B 163 -45.84 5.08 17.99
CA VAL B 163 -47.09 5.68 18.50
C VAL B 163 -46.81 7.05 19.11
N GLY B 164 -45.90 7.09 20.07
CA GLY B 164 -45.55 8.34 20.74
C GLY B 164 -45.12 9.41 19.76
N ALA B 165 -44.64 9.04 18.57
CA ALA B 165 -44.23 10.07 17.61
C ALA B 165 -45.46 10.67 16.94
N TRP B 166 -46.48 9.85 16.68
CA TRP B 166 -47.71 10.29 15.99
C TRP B 166 -48.52 11.15 16.97
N LEU B 167 -48.62 10.66 18.20
CA LEU B 167 -49.31 11.30 19.34
C LEU B 167 -48.69 12.67 19.76
N THR B 168 -47.42 12.94 19.40
CA THR B 168 -46.72 14.16 19.84
C THR B 168 -46.30 15.01 18.66
N LEU B 169 -46.99 14.88 17.55
CA LEU B 169 -46.62 15.64 16.36
C LEU B 169 -47.21 17.05 16.47
N PRO B 170 -46.57 18.11 15.87
CA PRO B 170 -47.19 19.44 15.85
C PRO B 170 -48.68 19.38 15.55
N ARG B 171 -49.48 20.09 16.34
CA ARG B 171 -50.95 20.01 16.24
C ARG B 171 -51.46 20.87 15.06
N ASN B 189 -47.03 19.52 43.84
CA ASN B 189 -46.92 18.05 43.89
C ASN B 189 -45.46 17.70 43.63
N ALA B 190 -44.99 16.52 44.06
CA ALA B 190 -43.77 15.90 43.50
C ALA B 190 -44.13 15.16 42.22
N TYR B 191 -45.35 14.63 42.16
CA TYR B 191 -45.87 13.83 41.04
C TYR B 191 -45.80 14.62 39.76
N ARG B 192 -46.05 15.93 39.84
CA ARG B 192 -46.07 16.74 38.62
C ARG B 192 -44.70 16.83 37.99
N PHE B 193 -43.65 16.92 38.78
CA PHE B 193 -42.34 17.18 38.17
C PHE B 193 -41.86 15.90 37.51
N ASN B 194 -42.13 14.74 38.11
CA ASN B 194 -41.88 13.45 37.43
C ASN B 194 -42.73 13.35 36.18
N PHE B 195 -43.99 13.77 36.26
CA PHE B 195 -44.84 13.77 35.07
C PHE B 195 -44.22 14.64 33.97
N ASP B 196 -43.82 15.85 34.33
CA ASP B 196 -43.26 16.78 33.34
C ASP B 196 -41.96 16.22 32.79
N LEU B 197 -41.02 15.86 33.67
CA LEU B 197 -39.73 15.36 33.18
C LEU B 197 -39.99 14.29 32.13
N HIS B 198 -40.81 13.30 32.48
CA HIS B 198 -41.07 12.14 31.64
C HIS B 198 -41.64 12.58 30.31
N ARG B 199 -42.62 13.48 30.36
CA ARG B 199 -43.34 14.01 29.20
C ARG B 199 -42.48 14.97 28.37
N ALA B 200 -41.39 15.48 28.94
CA ALA B 200 -40.66 16.64 28.42
C ALA B 200 -39.91 16.35 27.14
N GLY B 201 -39.75 15.09 26.77
CA GLY B 201 -38.98 14.77 25.58
C GLY B 201 -39.60 15.40 24.36
N GLY B 202 -40.91 15.24 24.23
CA GLY B 202 -41.57 15.63 22.99
C GLY B 202 -41.25 14.67 21.85
N LEU B 203 -41.50 15.14 20.66
CA LEU B 203 -41.29 14.35 19.45
C LEU B 203 -39.83 13.97 19.30
N TRP B 204 -38.93 14.89 19.68
CA TRP B 204 -37.47 14.70 19.53
C TRP B 204 -37.03 13.37 20.19
N LEU B 205 -37.44 13.11 21.45
CA LEU B 205 -37.07 11.89 22.20
C LEU B 205 -37.57 10.62 21.51
N TRP B 206 -38.84 10.59 21.10
CA TRP B 206 -39.37 9.40 20.41
C TRP B 206 -38.53 9.12 19.18
N LEU B 207 -38.16 10.20 18.48
CA LEU B 207 -37.38 10.07 17.25
C LEU B 207 -36.01 9.47 17.59
N LEU B 208 -35.34 10.02 18.60
CA LEU B 208 -34.02 9.51 19.03
C LEU B 208 -34.12 8.03 19.36
N LEU B 209 -35.06 7.70 20.24
CA LEU B 209 -35.20 6.34 20.76
C LEU B 209 -35.51 5.36 19.61
N ALA B 210 -36.12 5.83 18.51
CA ALA B 210 -36.64 4.92 17.47
C ALA B 210 -35.58 4.00 16.89
N PRO B 211 -34.42 4.50 16.38
CA PRO B 211 -33.39 3.62 15.80
C PRO B 211 -32.70 2.72 16.79
N VAL B 212 -32.64 3.12 18.06
CA VAL B 212 -32.12 2.23 19.11
C VAL B 212 -33.09 1.06 19.28
N ALA B 213 -34.39 1.33 19.38
CA ALA B 213 -35.37 0.24 19.45
C ALA B 213 -35.28 -0.63 18.23
N LEU B 214 -35.21 0.00 17.05
CA LEU B 214 -35.15 -0.77 15.78
C LEU B 214 -33.88 -1.64 15.73
N SER B 215 -32.70 -1.03 15.87
CA SER B 215 -31.46 -1.79 15.81
C SER B 215 -31.44 -2.84 16.90
N SER B 216 -32.11 -2.61 18.02
CA SER B 216 -32.23 -3.69 19.01
C SER B 216 -32.91 -4.87 18.37
N VAL B 217 -34.02 -4.64 17.70
CA VAL B 217 -34.72 -5.76 17.04
C VAL B 217 -33.77 -6.44 16.06
N ALA B 218 -33.01 -5.65 15.30
CA ALA B 218 -32.00 -6.18 14.36
C ALA B 218 -30.93 -6.98 15.10
N LEU B 219 -30.59 -6.58 16.32
CA LEU B 219 -29.47 -7.22 17.01
C LEU B 219 -29.91 -8.46 17.78
N ASN B 220 -31.15 -8.55 18.25
CA ASN B 220 -31.59 -9.80 18.90
C ASN B 220 -32.36 -10.65 17.91
N LEU B 221 -33.08 -10.08 16.95
CA LEU B 221 -33.98 -10.93 16.17
C LEU B 221 -33.85 -10.70 14.68
N PRO B 222 -32.64 -10.81 14.10
CA PRO B 222 -32.47 -10.47 12.68
C PRO B 222 -33.13 -11.44 11.70
N SER B 223 -32.87 -12.73 11.87
CA SER B 223 -33.35 -13.77 10.95
C SER B 223 -34.86 -13.96 11.06
N GLN B 224 -35.42 -13.71 12.26
CA GLN B 224 -36.84 -13.99 12.53
C GLN B 224 -37.69 -12.77 12.21
N VAL B 225 -37.28 -11.61 12.73
CA VAL B 225 -38.16 -10.45 12.73
C VAL B 225 -37.66 -9.44 11.72
N PHE B 226 -36.42 -9.00 11.91
CA PHE B 226 -35.93 -7.76 11.28
C PHE B 226 -35.72 -7.96 9.78
N LYS B 227 -35.02 -9.02 9.38
CA LYS B 227 -34.73 -9.26 7.95
C LYS B 227 -35.99 -9.56 7.13
N PRO B 228 -36.94 -10.41 7.59
CA PRO B 228 -38.18 -10.55 6.83
C PRO B 228 -38.87 -9.22 6.58
N LEU B 229 -38.85 -8.31 7.56
CA LEU B 229 -39.51 -6.99 7.45
C LEU B 229 -38.74 -6.05 6.54
N VAL B 230 -37.42 -6.15 6.49
CA VAL B 230 -36.69 -5.24 5.59
C VAL B 230 -36.76 -5.73 4.14
N SER B 231 -36.77 -7.05 3.89
CA SER B 231 -36.76 -7.59 2.52
C SER B 231 -37.95 -7.07 1.71
N LEU B 232 -38.97 -6.54 2.39
CA LEU B 232 -40.19 -6.03 1.76
C LEU B 232 -39.88 -4.77 0.95
N PHE B 233 -38.94 -3.97 1.44
CA PHE B 233 -38.64 -2.61 0.96
C PHE B 233 -37.37 -2.60 0.10
N SER B 234 -36.47 -3.56 0.35
CA SER B 234 -35.41 -4.01 -0.57
C SER B 234 -34.89 -5.33 -0.03
N PRO B 235 -34.51 -6.28 -0.90
CA PRO B 235 -34.22 -7.64 -0.48
C PRO B 235 -32.85 -7.79 0.20
N ILE B 236 -32.86 -8.47 1.34
CA ILE B 236 -31.65 -8.89 2.06
C ILE B 236 -31.54 -10.40 1.89
N GLU B 237 -30.55 -10.88 1.14
CA GLU B 237 -30.27 -12.32 1.13
C GLU B 237 -29.88 -12.75 2.54
N PRO B 238 -30.27 -13.96 3.00
CA PRO B 238 -29.83 -14.40 4.33
C PRO B 238 -28.31 -14.54 4.35
N SER B 239 -27.76 -14.40 5.56
CA SER B 239 -26.31 -14.53 5.79
C SER B 239 -25.85 -15.91 5.34
N VAL B 240 -24.55 -16.03 5.08
CA VAL B 240 -23.95 -17.34 4.81
C VAL B 240 -24.35 -18.28 5.95
N TYR B 241 -24.38 -17.75 7.18
CA TYR B 241 -24.81 -18.56 8.33
C TYR B 241 -26.30 -18.88 8.26
N GLU B 242 -27.13 -17.86 8.08
CA GLU B 242 -28.60 -18.03 8.06
C GLU B 242 -29.00 -19.01 6.95
N ALA B 243 -28.46 -18.83 5.74
CA ALA B 243 -28.86 -19.67 4.61
C ALA B 243 -28.31 -21.10 4.80
N ARG B 244 -27.09 -21.22 5.33
CA ARG B 244 -26.41 -22.53 5.43
C ARG B 244 -26.89 -23.31 6.65
N GLY B 245 -27.37 -22.63 7.68
CA GLY B 245 -28.05 -23.31 8.78
C GLY B 245 -29.28 -24.07 8.30
N ARG B 246 -29.98 -23.48 7.34
CA ARG B 246 -31.22 -24.05 6.80
C ARG B 246 -30.96 -25.26 5.91
N LEU B 247 -29.73 -25.46 5.40
CA LEU B 247 -29.48 -26.57 4.48
C LEU B 247 -29.44 -27.91 5.26
N PRO B 248 -29.89 -29.02 4.61
CA PRO B 248 -29.89 -30.34 5.25
C PRO B 248 -28.51 -30.72 5.80
N ARG B 249 -28.52 -31.48 6.89
CA ARG B 249 -27.33 -31.74 7.75
C ARG B 249 -26.19 -32.41 6.96
N GLU B 250 -26.49 -33.40 6.12
CA GLU B 250 -25.43 -34.08 5.34
C GLU B 250 -24.70 -33.13 4.39
N GLN B 251 -25.41 -32.19 3.74
CA GLN B 251 -24.85 -31.50 2.55
C GLN B 251 -23.66 -30.59 2.88
N LEU B 252 -23.47 -30.22 4.15
CA LEU B 252 -22.49 -29.19 4.56
C LEU B 252 -21.06 -29.57 4.14
N GLY B 253 -20.80 -30.87 4.01
CA GLY B 253 -19.45 -31.37 3.71
C GLY B 253 -18.66 -31.56 4.98
N GLU B 254 -17.41 -31.98 4.83
CA GLU B 254 -16.49 -32.18 5.97
C GLU B 254 -15.32 -31.21 5.87
N THR B 255 -14.89 -30.68 7.01
CA THR B 255 -13.96 -29.55 7.07
C THR B 255 -12.57 -29.95 6.60
N ARG B 256 -12.02 -29.24 5.61
CA ARG B 256 -10.65 -29.51 5.16
C ARG B 256 -9.71 -28.33 5.40
N LEU B 257 -10.26 -27.11 5.51
CA LEU B 257 -9.47 -25.87 5.58
C LEU B 257 -9.01 -25.58 7.00
N ASP B 258 -8.17 -24.57 7.13
CA ASP B 258 -7.78 -24.01 8.42
C ASP B 258 -7.78 -22.50 8.31
N TYR B 259 -7.23 -21.84 9.33
CA TYR B 259 -7.09 -20.37 9.40
C TYR B 259 -6.03 -19.86 8.41
N ASP B 260 -4.95 -20.64 8.20
CA ASP B 260 -3.92 -20.30 7.20
C ASP B 260 -4.48 -20.36 5.78
N ARG B 261 -5.15 -21.47 5.41
CA ARG B 261 -5.68 -21.65 4.03
C ARG B 261 -6.89 -20.73 3.78
N THR B 262 -7.71 -20.49 4.80
CA THR B 262 -8.76 -19.46 4.68
C THR B 262 -8.12 -18.10 4.42
N PHE B 263 -7.03 -17.79 5.12
CA PHE B 263 -6.35 -16.50 4.95
C PHE B 263 -5.82 -16.35 3.53
N GLN B 264 -5.24 -17.42 2.97
CA GLN B 264 -4.78 -17.44 1.56
C GLN B 264 -5.96 -17.16 0.61
N LEU B 265 -7.07 -17.90 0.76
CA LEU B 265 -8.22 -17.74 -0.15
C LEU B 265 -8.80 -16.32 -0.04
N ALA B 266 -8.81 -15.76 1.18
CA ALA B 266 -9.42 -14.45 1.46
C ALA B 266 -8.57 -13.32 0.91
N SER B 267 -7.25 -13.45 0.94
CA SER B 267 -6.36 -12.41 0.40
C SER B 267 -6.44 -12.35 -1.13
N VAL B 268 -6.49 -13.52 -1.79
CA VAL B 268 -6.67 -13.54 -3.26
C VAL B 268 -8.04 -12.95 -3.63
N GLU B 269 -9.11 -13.37 -2.93
CA GLU B 269 -10.47 -12.87 -3.20
C GLU B 269 -10.61 -11.38 -2.90
N ALA B 270 -9.88 -10.90 -1.89
CA ALA B 270 -9.84 -9.47 -1.54
C ALA B 270 -9.20 -8.65 -2.66
N ALA B 271 -8.09 -9.15 -3.22
CA ALA B 271 -7.44 -8.55 -4.38
C ALA B 271 -8.44 -8.43 -5.54
N ARG B 272 -9.18 -9.52 -5.78
CA ARG B 272 -10.11 -9.62 -6.91
C ARG B 272 -11.30 -8.66 -6.72
N LEU B 273 -11.80 -8.51 -5.48
CA LEU B 273 -12.91 -7.60 -5.15
C LEU B 273 -12.44 -6.15 -5.04
N GLY B 274 -11.13 -5.92 -4.90
CA GLY B 274 -10.55 -4.60 -4.73
C GLY B 274 -10.64 -4.08 -3.32
N ILE B 275 -10.81 -4.96 -2.33
CA ILE B 275 -10.90 -4.54 -0.92
C ILE B 275 -9.50 -4.13 -0.46
N ALA B 276 -9.30 -2.85 -0.18
CA ALA B 276 -7.98 -2.37 0.24
C ALA B 276 -7.66 -2.83 1.67
N GLU B 277 -8.69 -3.01 2.51
CA GLU B 277 -8.51 -3.18 3.96
C GLU B 277 -7.86 -4.52 4.32
N PRO B 278 -7.17 -4.56 5.47
CA PRO B 278 -6.44 -5.76 5.89
C PRO B 278 -7.27 -6.69 6.77
N ILE B 279 -6.95 -7.98 6.71
CA ILE B 279 -7.67 -9.02 7.48
C ILE B 279 -7.47 -8.74 8.96
N GLY B 280 -8.58 -8.63 9.71
CA GLY B 280 -8.51 -8.31 11.14
C GLY B 280 -9.15 -9.38 11.96
N GLU B 281 -10.12 -10.07 11.37
CA GLU B 281 -10.88 -11.09 12.12
C GLU B 281 -10.86 -12.38 11.31
N LEU B 282 -10.86 -13.49 12.00
CA LEU B 282 -11.02 -14.81 11.37
C LEU B 282 -11.99 -15.66 12.16
N TYR B 283 -12.74 -16.47 11.43
CA TYR B 283 -13.93 -17.15 11.91
C TYR B 283 -14.04 -18.54 11.33
N TYR B 284 -14.49 -19.48 12.15
CA TYR B 284 -14.75 -20.85 11.71
C TYR B 284 -16.11 -21.28 12.24
N SER B 285 -16.95 -21.81 11.34
CA SER B 285 -18.31 -22.30 11.64
C SER B 285 -18.24 -23.83 11.67
N PHE B 286 -18.06 -24.33 12.89
CA PHE B 286 -17.96 -25.76 13.15
C PHE B 286 -19.24 -26.48 12.69
N GLU B 287 -20.41 -25.91 12.98
CA GLU B 287 -21.72 -26.55 12.71
C GLU B 287 -22.03 -26.60 11.21
N TYR B 288 -21.81 -25.53 10.43
CA TYR B 288 -22.26 -25.60 9.02
C TYR B 288 -21.12 -25.47 8.02
N ASN B 289 -19.89 -25.76 8.47
CA ASN B 289 -18.75 -26.06 7.59
C ASN B 289 -18.44 -24.91 6.63
N PHE B 290 -18.04 -23.78 7.19
CA PHE B 290 -17.40 -22.72 6.41
C PHE B 290 -16.50 -21.90 7.33
N PHE B 291 -15.64 -21.11 6.71
CA PHE B 291 -14.68 -20.23 7.40
C PHE B 291 -14.95 -18.79 6.98
N GLY B 292 -14.63 -17.89 7.91
CA GLY B 292 -14.91 -16.47 7.73
C GLY B 292 -13.67 -15.63 7.91
N ALA B 293 -13.49 -14.67 6.98
CA ALA B 293 -12.39 -13.69 6.98
C ALA B 293 -12.97 -12.29 6.90
N GLY B 294 -12.66 -11.47 7.89
CA GLY B 294 -13.20 -10.11 7.98
C GLY B 294 -12.10 -9.10 7.82
N PHE B 295 -12.41 -8.01 7.12
CA PHE B 295 -11.42 -6.93 6.82
C PHE B 295 -11.72 -5.70 7.69
N GLY B 296 -10.68 -5.04 8.14
CA GLY B 296 -10.80 -3.81 8.93
C GLY B 296 -10.72 -4.10 10.39
N ASP B 297 -10.38 -3.09 11.19
CA ASP B 297 -10.38 -3.20 12.67
C ASP B 297 -11.79 -2.90 13.18
N HIS B 298 -12.03 -3.05 14.48
CA HIS B 298 -13.35 -2.85 15.14
C HIS B 298 -13.58 -1.37 15.43
N ASP B 299 -12.58 -0.52 15.16
CA ASP B 299 -12.58 0.94 15.33
C ASP B 299 -13.42 1.65 14.25
N ASP B 300 -13.64 1.02 13.09
CA ASP B 300 -14.47 1.61 12.00
C ASP B 300 -15.46 0.55 11.55
N PRO B 301 -16.51 0.24 12.33
CA PRO B 301 -17.42 -0.79 11.92
C PRO B 301 -18.08 -0.54 10.57
N MET B 302 -18.05 0.68 10.04
CA MET B 302 -18.75 0.92 8.76
C MET B 302 -17.90 0.47 7.57
N GLY B 303 -16.65 0.10 7.77
CA GLY B 303 -15.82 -0.29 6.63
C GLY B 303 -15.47 -1.74 6.63
N LYS B 304 -16.06 -2.50 7.53
CA LYS B 304 -15.72 -3.93 7.65
C LYS B 304 -16.51 -4.77 6.67
N SER B 305 -15.80 -5.58 5.89
CA SER B 305 -16.37 -6.55 4.95
C SER B 305 -16.17 -7.93 5.56
N TRP B 306 -16.81 -8.93 4.99
CA TRP B 306 -16.52 -10.33 5.35
C TRP B 306 -16.57 -11.18 4.10
N LEU B 307 -15.78 -12.26 4.09
CA LEU B 307 -15.86 -13.34 3.08
C LEU B 307 -15.91 -14.69 3.79
N PHE B 308 -16.76 -15.59 3.29
CA PHE B 308 -16.96 -16.92 3.88
C PHE B 308 -16.72 -17.97 2.80
N PHE B 309 -15.92 -18.99 3.14
CA PHE B 309 -15.38 -20.01 2.23
C PHE B 309 -15.83 -21.42 2.65
N HIS B 310 -16.29 -22.23 1.67
CA HIS B 310 -16.81 -23.57 1.92
C HIS B 310 -15.78 -24.38 2.71
N GLY B 311 -16.23 -25.10 3.75
CA GLY B 311 -15.34 -25.90 4.60
C GLY B 311 -14.66 -27.04 3.85
N SER B 312 -15.36 -27.64 2.87
CA SER B 312 -14.79 -28.68 2.00
C SER B 312 -14.13 -27.99 0.80
N ASP B 313 -14.95 -27.32 -0.03
CA ASP B 313 -14.52 -26.93 -1.38
C ASP B 313 -13.43 -25.86 -1.30
N GLY B 314 -13.46 -25.03 -0.26
CA GLY B 314 -12.58 -23.88 -0.12
C GLY B 314 -12.98 -22.69 -0.99
N ARG B 315 -14.02 -22.84 -1.83
CA ARG B 315 -14.50 -21.82 -2.78
C ARG B 315 -15.35 -20.78 -2.04
N LEU B 316 -15.62 -19.66 -2.74
CA LEU B 316 -16.38 -18.54 -2.18
C LEU B 316 -17.81 -18.96 -1.83
N LEU B 317 -18.16 -19.04 -0.55
CA LEU B 317 -19.58 -19.28 -0.20
C LEU B 317 -20.37 -17.97 -0.23
N GLY B 318 -19.80 -16.86 0.26
CA GLY B 318 -20.53 -15.59 0.27
C GLY B 318 -19.65 -14.41 0.58
N GLN B 319 -20.17 -13.20 0.35
CA GLN B 319 -19.45 -11.92 0.53
C GLN B 319 -20.32 -10.85 1.20
N GLU B 320 -19.70 -10.02 2.05
CA GLU B 320 -20.38 -8.90 2.73
C GLU B 320 -19.58 -7.63 2.51
N VAL B 321 -19.43 -7.25 1.24
CA VAL B 321 -18.63 -6.07 0.82
C VAL B 321 -19.23 -4.81 1.44
N ALA B 322 -18.39 -4.08 2.18
CA ALA B 322 -18.83 -2.91 2.96
C ALA B 322 -19.28 -1.77 2.05
N GLY B 323 -18.67 -1.63 0.86
CA GLY B 323 -18.97 -0.51 -0.04
C GLY B 323 -20.24 -0.66 -0.89
N GLN B 324 -20.89 -1.82 -0.84
CA GLN B 324 -22.03 -2.12 -1.72
C GLN B 324 -23.03 -2.98 -0.95
N GLY B 325 -24.05 -3.40 -1.69
CA GLY B 325 -25.26 -4.11 -1.29
C GLY B 325 -26.47 -3.37 -1.84
N SER B 326 -27.64 -3.70 -1.32
CA SER B 326 -28.82 -2.98 -1.82
C SER B 326 -29.17 -1.88 -0.85
N TRP B 327 -30.43 -1.44 -0.88
CA TRP B 327 -30.96 -0.38 0.00
C TRP B 327 -31.53 -1.03 1.26
N GLY B 328 -31.43 -2.36 1.37
CA GLY B 328 -31.92 -3.18 2.49
C GLY B 328 -30.79 -3.99 3.04
N GLU B 329 -29.71 -4.16 2.28
CA GLU B 329 -28.55 -4.80 2.90
C GLU B 329 -27.68 -3.75 3.59
N ARG B 330 -27.45 -2.61 2.93
CA ARG B 330 -26.71 -1.49 3.55
C ARG B 330 -27.56 -0.83 4.64
N PHE B 331 -28.84 -1.18 4.77
CA PHE B 331 -29.61 -0.80 5.95
C PHE B 331 -29.33 -1.75 7.12
N TYR B 332 -29.23 -3.05 6.87
CA TYR B 332 -28.98 -4.03 7.95
C TYR B 332 -27.55 -3.90 8.49
N ARG B 333 -26.58 -3.79 7.59
CA ARG B 333 -25.18 -3.69 8.00
C ARG B 333 -24.95 -2.37 8.73
N LEU B 334 -25.91 -1.45 8.67
CA LEU B 334 -25.83 -0.19 9.41
C LEU B 334 -26.39 -0.29 10.84
N GLN B 335 -27.11 -1.35 11.19
CA GLN B 335 -27.83 -1.33 12.47
C GLN B 335 -26.86 -1.39 13.65
N TYR B 336 -26.00 -2.36 13.50
CA TYR B 336 -24.96 -2.67 14.49
C TYR B 336 -24.31 -1.37 14.77
N PRO B 337 -23.65 -0.48 13.76
CA PRO B 337 -23.07 0.86 13.87
C PRO B 337 -24.01 1.92 14.47
N ILE B 338 -25.32 1.83 14.21
CA ILE B 338 -26.27 2.86 14.70
C ILE B 338 -26.50 2.71 16.19
N HIS B 339 -26.74 1.47 16.60
CA HIS B 339 -27.08 1.12 17.98
C HIS B 339 -25.94 1.53 18.91
N GLY B 340 -24.69 1.25 18.50
CA GLY B 340 -23.52 1.55 19.33
C GLY B 340 -23.09 3.00 19.27
N GLY B 341 -23.62 3.79 18.33
CA GLY B 341 -23.30 5.19 18.17
C GLY B 341 -22.07 5.46 17.33
N ARG B 342 -21.34 4.39 17.02
CA ARG B 342 -20.06 4.48 16.29
C ARG B 342 -20.26 5.04 14.91
N ILE B 343 -21.47 4.97 14.40
CA ILE B 343 -21.77 5.47 13.06
C ILE B 343 -21.43 6.96 13.02
N ALA B 344 -21.54 7.67 14.15
CA ALA B 344 -21.28 9.11 14.23
C ALA B 344 -19.97 9.42 14.98
N GLY B 345 -19.08 8.43 15.09
CA GLY B 345 -17.79 8.63 15.75
C GLY B 345 -17.96 8.73 17.25
N LEU B 346 -16.92 9.25 17.90
CA LEU B 346 -16.94 9.44 19.36
C LEU B 346 -18.12 10.31 19.79
N PRO B 347 -18.56 11.36 19.06
CA PRO B 347 -19.76 12.07 19.48
C PRO B 347 -20.92 11.10 19.63
N GLY B 348 -21.16 10.32 18.58
CA GLY B 348 -22.30 9.40 18.55
C GLY B 348 -22.28 8.42 19.72
N ARG B 349 -21.12 7.84 19.99
CA ARG B 349 -20.99 6.98 21.17
C ARG B 349 -21.31 7.76 22.44
N ILE B 350 -20.74 8.95 22.57
CA ILE B 350 -21.09 9.84 23.70
C ILE B 350 -22.61 10.04 23.69
N ALA B 351 -23.15 10.37 22.52
CA ALA B 351 -24.59 10.52 22.32
C ALA B 351 -25.32 9.30 22.86
N ILE B 352 -24.93 8.10 22.42
CA ILE B 352 -25.64 6.89 22.85
C ILE B 352 -25.50 6.69 24.35
N ALA B 353 -24.35 7.03 24.91
CA ALA B 353 -24.16 6.92 26.36
C ALA B 353 -25.21 7.75 27.07
N ALA B 354 -25.43 8.98 26.60
CA ALA B 354 -26.48 9.86 27.11
C ALA B 354 -27.86 9.22 26.93
N LEU B 355 -28.16 8.76 25.71
CA LEU B 355 -29.44 8.10 25.43
C LEU B 355 -29.65 6.95 26.39
N GLY B 356 -28.61 6.15 26.60
CA GLY B 356 -28.76 5.06 27.55
C GLY B 356 -29.35 5.55 28.85
N LEU B 357 -28.70 6.55 29.45
CA LEU B 357 -29.16 7.07 30.74
C LEU B 357 -30.57 7.60 30.56
N ALA B 358 -30.77 8.44 29.55
CA ALA B 358 -32.09 8.99 29.30
C ALA B 358 -33.10 7.85 29.29
N ILE B 359 -32.81 6.76 28.57
CA ILE B 359 -33.82 5.70 28.51
C ILE B 359 -34.13 5.20 29.91
N ALA B 360 -33.11 4.93 30.71
CA ALA B 360 -33.37 4.57 32.10
C ALA B 360 -34.31 5.59 32.74
N GLY B 361 -33.96 6.86 32.66
CA GLY B 361 -34.82 7.91 33.24
C GLY B 361 -36.24 7.77 32.77
N LEU B 362 -36.40 7.78 31.44
CA LEU B 362 -37.72 7.62 30.84
C LEU B 362 -38.37 6.38 31.42
N SER B 363 -37.69 5.25 31.42
CA SER B 363 -38.41 4.04 31.87
C SER B 363 -38.76 4.11 33.37
N LEU B 364 -38.11 4.94 34.18
CA LEU B 364 -38.44 4.99 35.61
C LEU B 364 -39.44 6.08 35.96
N THR B 365 -39.24 7.33 35.56
CA THR B 365 -40.15 8.37 36.08
C THR B 365 -41.58 7.92 35.86
N GLY B 366 -41.80 7.23 34.73
CA GLY B 366 -43.12 6.71 34.36
C GLY B 366 -43.57 5.59 35.29
N VAL B 367 -42.62 4.80 35.78
CA VAL B 367 -43.00 3.80 36.78
C VAL B 367 -43.54 4.55 37.99
N TYR B 368 -42.87 5.65 38.35
CA TYR B 368 -43.35 6.48 39.46
C TYR B 368 -44.73 7.03 39.13
N ILE B 369 -44.93 7.50 37.90
CA ILE B 369 -46.25 8.12 37.65
C ILE B 369 -47.30 7.01 37.68
N TRP B 370 -46.93 5.76 37.45
CA TRP B 370 -47.88 4.68 37.73
C TRP B 370 -48.09 4.51 39.23
N TRP B 371 -46.98 4.39 39.96
CA TRP B 371 -47.01 4.03 41.38
C TRP B 371 -47.79 5.06 42.18
N ARG B 372 -47.35 6.32 42.17
CA ARG B 372 -47.98 7.31 43.05
C ARG B 372 -49.44 7.42 42.66
N LYS B 373 -49.73 7.22 41.37
CA LYS B 373 -51.12 7.28 40.89
C LYS B 373 -51.94 6.22 41.61
N ARG B 374 -51.33 5.10 41.91
CA ARG B 374 -52.06 4.03 42.60
C ARG B 374 -52.02 4.29 44.09
N ARG B 375 -50.93 4.85 44.58
CA ARG B 375 -50.80 5.13 46.02
C ARG B 375 -51.89 6.10 46.45
N ALA B 376 -52.11 7.12 45.64
CA ALA B 376 -53.13 8.15 45.92
C ALA B 376 -54.49 7.47 45.85
N ARG B 377 -54.67 6.46 44.98
CA ARG B 377 -56.02 5.85 44.86
C ARG B 377 -56.22 4.77 45.92
N HIS B 378 -55.16 4.43 46.65
CA HIS B 378 -55.08 3.41 47.73
C HIS B 378 -55.15 1.99 47.18
N TRP B 379 -54.90 1.82 45.88
CA TRP B 379 -54.90 0.52 45.13
C TRP B 379 -56.31 -0.06 45.02
N ASN B 380 -57.35 0.75 45.25
CA ASN B 380 -58.78 0.32 45.31
C ASN B 380 -58.97 -0.71 46.44
N GLY B 381 -58.21 -0.53 47.54
CA GLY B 381 -58.26 -1.42 48.72
C GLY B 381 -56.73 -1.30 48.79
N ARG B 382 -56.10 -2.13 49.64
CA ARG B 382 -54.84 -2.13 50.42
C ARG B 382 -54.32 -0.72 50.63
#